data_3DLJ
#
_entry.id   3DLJ
#
_cell.length_a   77.106
_cell.length_b   75.613
_cell.length_c   103.716
_cell.angle_alpha   90.00
_cell.angle_beta   109.79
_cell.angle_gamma   90.00
#
_symmetry.space_group_name_H-M   'P 1 21 1'
#
loop_
_entity.id
_entity.type
_entity.pdbx_description
1 polymer 'Beta-Ala-His dipeptidase'
2 non-polymer 'ZINC ION'
3 non-polymer 'UNKNOWN ATOM OR ION'
4 non-polymer 'SULFATE ION'
5 water water
#
_entity_poly.entity_id   1
_entity_poly.type   'polypeptide(L)'
_entity_poly.pdbx_seq_one_letter_code
;GAMDSPSPPPALLEKVFQYIDLHQDEFVQTLKEWVAIESDSVQPVPRFRQELFRMMAVAADTLQRLGARVASVDMGPQQL
PDGQSLPIPPVILAELGSDPTKGTVCFYGHLDVQPADRGDGWLTDPYVLTEVDGKLYGRGATDNKGPVLAWINAVSAFRA
LEQDLPVNIKFIIEGMEEAGSVALEELVEKEKDRFFSGVDYIVISDNLWISQRKPAITYGTRGNSYFMVEVKCRDQDFHS
GTFGGILHEPMADLVALLGSLVDSSGHILVPGIYDEVVPLTEEEINTYKAIHLDLEEYRNSSRVEKFLFDTKEEILMHLW
RYPSLSIHGIEGAFDEPGTKTVIPGRVIGKFSIRLVPHMNVSAVEKQVTRHLEDVFSKRNSSNKMVVSMTLGLHPWIANI
DDTQYLAAKRAIRTVFGTEPDMIRDGSTIPIAKMFQEIVHKSVVLIPLGAVDDGEHSQNEKINRWNYIEGTKLFAAFFLE
MAQLH
;
_entity_poly.pdbx_strand_id   A,B
#
loop_
_chem_comp.id
_chem_comp.type
_chem_comp.name
_chem_comp.formula
SO4 non-polymer 'SULFATE ION' 'O4 S -2'
UNX non-polymer 'UNKNOWN ATOM OR ION' ?
ZN non-polymer 'ZINC ION' 'Zn 2'
#
# COMPACT_ATOMS: atom_id res chain seq x y z
N PRO A 8 44.04 9.34 -26.35
CA PRO A 8 43.78 10.40 -27.32
C PRO A 8 42.64 10.06 -28.31
N PRO A 9 41.69 10.99 -28.50
CA PRO A 9 40.66 10.78 -29.52
C PRO A 9 41.12 11.12 -30.95
N PRO A 10 40.34 10.70 -31.98
CA PRO A 10 40.56 11.14 -33.37
C PRO A 10 40.30 12.63 -33.60
N ALA A 11 40.76 13.15 -34.74
CA ALA A 11 40.20 14.37 -35.37
C ALA A 11 40.12 15.62 -34.50
N LEU A 12 39.04 16.37 -34.72
CA LEU A 12 38.54 17.41 -33.82
C LEU A 12 37.30 16.82 -33.13
N LEU A 13 37.25 15.48 -33.06
CA LEU A 13 36.46 14.83 -32.02
C LEU A 13 37.15 15.29 -30.76
N GLU A 14 38.45 15.55 -30.89
CA GLU A 14 39.26 16.15 -29.86
C GLU A 14 38.63 17.45 -29.38
N LYS A 15 38.18 18.28 -30.33
CA LYS A 15 37.62 19.60 -30.02
C LYS A 15 36.24 19.45 -29.44
N VAL A 16 35.44 18.56 -30.02
CA VAL A 16 34.13 18.16 -29.48
C VAL A 16 34.25 17.63 -28.05
N PHE A 17 35.22 16.75 -27.80
CA PHE A 17 35.50 16.20 -26.47
C PHE A 17 35.94 17.28 -25.49
N GLN A 18 36.82 18.17 -25.95
CA GLN A 18 37.24 19.33 -25.17
C GLN A 18 36.04 20.16 -24.75
N TYR A 19 35.16 20.46 -25.70
CA TYR A 19 33.90 21.22 -25.46
C TYR A 19 33.06 20.57 -24.36
N ILE A 20 32.80 19.28 -24.50
CA ILE A 20 32.04 18.50 -23.51
C ILE A 20 32.66 18.60 -22.10
N ASP A 21 33.98 18.46 -21.96
CA ASP A 21 34.66 18.64 -20.67
C ASP A 21 34.56 20.03 -20.09
N LEU A 22 34.73 21.07 -20.93
CA LEU A 22 34.51 22.47 -20.51
C LEU A 22 33.06 22.83 -20.17
N HIS A 23 32.08 22.22 -20.83
CA HIS A 23 30.67 22.61 -20.59
C HIS A 23 29.91 21.66 -19.70
N GLN A 24 30.65 20.76 -19.04
CA GLN A 24 30.02 19.72 -18.23
C GLN A 24 29.12 20.21 -17.09
N ASP A 25 29.49 21.30 -16.44
CA ASP A 25 28.72 21.85 -15.32
C ASP A 25 27.40 22.45 -15.82
N GLU A 26 27.47 23.04 -17.01
CA GLU A 26 26.29 23.49 -17.75
C GLU A 26 25.41 22.31 -18.20
N PHE A 27 26.02 21.18 -18.58
CA PHE A 27 25.26 20.03 -19.02
C PHE A 27 24.50 19.47 -17.80
N VAL A 28 25.14 19.48 -16.63
CA VAL A 28 24.61 18.99 -15.35
C VAL A 28 23.55 19.92 -14.79
N GLN A 29 23.66 21.22 -15.06
CA GLN A 29 22.64 22.16 -14.64
C GLN A 29 21.40 22.04 -15.53
N THR A 30 21.57 21.81 -16.82
CA THR A 30 20.40 21.54 -17.66
C THR A 30 19.67 20.29 -17.16
N LEU A 31 20.41 19.24 -16.80
CA LEU A 31 19.76 18.06 -16.27
C LEU A 31 18.99 18.37 -14.98
N LYS A 32 19.60 19.13 -14.07
CA LYS A 32 18.95 19.60 -12.84
C LYS A 32 17.61 20.31 -13.16
N GLU A 33 17.62 21.17 -14.18
CA GLU A 33 16.43 21.88 -14.64
C GLU A 33 15.40 20.96 -15.27
N TRP A 34 15.83 19.97 -16.04
CA TRP A 34 14.85 19.04 -16.64
C TRP A 34 14.22 18.11 -15.59
N VAL A 35 15.02 17.65 -14.62
CA VAL A 35 14.59 16.81 -13.51
C VAL A 35 13.56 17.51 -12.59
N ALA A 36 13.71 18.82 -12.41
CA ALA A 36 12.81 19.64 -11.61
C ALA A 36 11.40 19.80 -12.22
N ILE A 37 11.25 19.48 -13.51
CA ILE A 37 9.95 19.44 -14.14
C ILE A 37 9.33 18.08 -13.82
N GLU A 38 8.28 18.08 -13.01
CA GLU A 38 7.74 16.86 -12.45
C GLU A 38 6.83 16.14 -13.45
N SER A 39 7.46 15.60 -14.50
CA SER A 39 6.77 15.04 -15.69
C SER A 39 6.22 13.63 -15.48
N ASP A 40 5.47 13.48 -14.39
CA ASP A 40 4.96 12.19 -13.95
C ASP A 40 3.73 11.78 -14.80
N SER A 41 3.90 10.74 -15.62
CA SER A 41 2.83 10.28 -16.53
C SER A 41 1.89 9.23 -15.92
N VAL A 42 2.26 8.71 -14.75
CA VAL A 42 1.59 7.54 -14.19
C VAL A 42 0.40 7.97 -13.30
N GLN A 43 0.54 9.10 -12.62
CA GLN A 43 -0.53 9.68 -11.82
C GLN A 43 -1.53 10.43 -12.70
N PRO A 44 -2.82 10.02 -12.62
CA PRO A 44 -3.91 10.67 -13.34
C PRO A 44 -4.34 11.95 -12.61
N VAL A 45 -3.41 12.87 -12.45
CA VAL A 45 -3.57 14.07 -11.62
C VAL A 45 -3.25 15.27 -12.51
N PRO A 46 -4.22 16.20 -12.71
CA PRO A 46 -3.96 17.28 -13.67
C PRO A 46 -2.67 18.06 -13.43
N ARG A 47 -2.33 18.33 -12.17
CA ARG A 47 -1.07 18.98 -11.79
C ARG A 47 0.16 18.37 -12.47
N PHE A 48 0.23 17.04 -12.47
CA PHE A 48 1.34 16.31 -13.05
C PHE A 48 1.30 16.24 -14.57
N ARG A 49 0.11 15.95 -15.13
CA ARG A 49 -0.02 15.90 -16.59
C ARG A 49 0.31 17.26 -17.25
N GLN A 50 0.00 18.37 -16.57
CA GLN A 50 0.39 19.71 -17.08
C GLN A 50 1.94 19.87 -17.13
N GLU A 51 2.62 19.39 -16.09
CA GLU A 51 4.08 19.41 -16.00
C GLU A 51 4.73 18.53 -17.07
N LEU A 52 4.02 17.49 -17.47
CA LEU A 52 4.45 16.65 -18.55
C LEU A 52 4.40 17.37 -19.89
N PHE A 53 3.35 18.17 -20.11
CA PHE A 53 3.21 18.97 -21.33
C PHE A 53 4.27 20.06 -21.41
N ARG A 54 4.60 20.65 -20.25
CA ARG A 54 5.62 21.68 -20.19
C ARG A 54 7.00 21.12 -20.53
N MET A 55 7.26 19.90 -20.06
CA MET A 55 8.47 19.13 -20.38
C MET A 55 8.65 18.94 -21.88
N MET A 56 7.62 18.43 -22.56
CA MET A 56 7.65 18.27 -24.01
C MET A 56 7.90 19.59 -24.70
N ALA A 57 7.32 20.68 -24.16
CA ALA A 57 7.53 22.03 -24.72
C ALA A 57 8.96 22.54 -24.54
N VAL A 58 9.53 22.28 -23.37
CA VAL A 58 10.93 22.64 -23.08
C VAL A 58 11.93 21.90 -24.00
N ALA A 59 11.68 20.60 -24.19
CA ALA A 59 12.42 19.76 -25.15
C ALA A 59 12.25 20.20 -26.63
N ALA A 60 11.03 20.52 -27.04
CA ALA A 60 10.77 21.01 -28.40
C ALA A 60 11.56 22.27 -28.66
N ASP A 61 11.61 23.16 -27.64
CA ASP A 61 12.33 24.42 -27.78
C ASP A 61 13.83 24.20 -27.82
N THR A 62 14.30 23.26 -27.01
CA THR A 62 15.71 22.90 -27.00
C THR A 62 16.21 22.43 -28.36
N LEU A 63 15.42 21.57 -29.00
CA LEU A 63 15.75 21.02 -30.33
C LEU A 63 15.72 22.08 -31.42
N GLN A 64 14.72 22.96 -31.39
CA GLN A 64 14.66 24.09 -32.32
C GLN A 64 15.87 25.01 -32.23
N ARG A 65 16.27 25.33 -30.99
CA ARG A 65 17.40 26.21 -30.76
C ARG A 65 18.69 25.59 -31.28
N LEU A 66 18.74 24.26 -31.34
CA LEU A 66 19.85 23.49 -31.91
C LEU A 66 19.89 23.51 -33.43
N GLY A 67 18.78 23.85 -34.06
CA GLY A 67 18.72 23.85 -35.50
C GLY A 67 17.79 22.85 -36.14
N ALA A 68 17.09 22.06 -35.33
CA ALA A 68 16.18 21.03 -35.82
C ALA A 68 14.82 21.58 -36.29
N ARG A 69 14.29 21.01 -37.38
CA ARG A 69 12.86 21.13 -37.72
C ARG A 69 12.12 20.28 -36.68
N VAL A 70 11.23 20.91 -35.91
CA VAL A 70 10.54 20.23 -34.80
C VAL A 70 9.03 20.19 -35.02
N ALA A 71 8.44 19.00 -34.91
CA ALA A 71 6.98 18.91 -34.86
C ALA A 71 6.54 18.28 -33.52
N SER A 72 5.66 18.96 -32.79
CA SER A 72 5.05 18.40 -31.59
C SER A 72 3.66 17.94 -32.02
N VAL A 73 3.50 16.63 -32.14
CA VAL A 73 2.31 15.99 -32.68
C VAL A 73 1.21 15.84 -31.60
N ASP A 74 0.04 16.41 -31.87
CA ASP A 74 -1.10 16.29 -30.98
C ASP A 74 -1.54 14.82 -30.90
N MET A 75 -1.61 14.28 -29.69
CA MET A 75 -1.87 12.85 -29.50
C MET A 75 -3.31 12.50 -29.05
N GLY A 76 -4.09 13.53 -28.68
CA GLY A 76 -5.48 13.34 -28.25
C GLY A 76 -5.61 12.76 -26.84
N PRO A 77 -6.83 12.34 -26.45
CA PRO A 77 -7.16 11.87 -25.08
C PRO A 77 -6.67 10.47 -24.69
N GLN A 78 -6.40 10.32 -23.40
CA GLN A 78 -6.11 9.05 -22.79
C GLN A 78 -7.36 8.63 -22.03
N GLN A 79 -8.05 7.61 -22.53
CA GLN A 79 -9.25 7.11 -21.87
C GLN A 79 -8.87 6.40 -20.57
N LEU A 80 -9.37 6.93 -19.45
CA LEU A 80 -9.20 6.31 -18.13
C LEU A 80 -10.50 5.58 -17.71
N GLY A 83 -14.88 6.57 -15.62
CA GLY A 83 -15.01 6.78 -17.06
C GLY A 83 -14.47 8.12 -17.55
N GLN A 84 -13.33 8.54 -16.99
CA GLN A 84 -12.77 9.87 -17.28
C GLN A 84 -11.57 9.83 -18.24
N SER A 85 -11.10 10.99 -18.67
CA SER A 85 -9.94 11.06 -19.57
C SER A 85 -8.92 12.14 -19.20
N LEU A 86 -7.76 12.10 -19.87
CA LEU A 86 -6.67 13.09 -19.74
C LEU A 86 -6.04 13.28 -21.12
N PRO A 87 -5.55 14.50 -21.41
CA PRO A 87 -4.79 14.71 -22.65
C PRO A 87 -3.45 13.96 -22.60
N ILE A 88 -3.06 13.36 -23.71
CA ILE A 88 -1.73 12.77 -23.85
C ILE A 88 -0.77 13.89 -24.29
N PRO A 89 0.45 13.93 -23.70
CA PRO A 89 1.52 14.83 -24.13
C PRO A 89 1.93 14.62 -25.59
N PRO A 90 2.28 15.71 -26.31
CA PRO A 90 2.65 15.58 -27.71
C PRO A 90 3.89 14.74 -27.89
N VAL A 91 4.03 14.15 -29.07
CA VAL A 91 5.24 13.45 -29.39
C VAL A 91 6.09 14.42 -30.22
N ILE A 92 7.36 14.57 -29.83
CA ILE A 92 8.26 15.34 -30.65
C ILE A 92 8.77 14.47 -31.78
N LEU A 93 8.59 14.96 -33.00
CA LEU A 93 9.19 14.37 -34.19
C LEU A 93 10.08 15.41 -34.85
N ALA A 94 11.40 15.29 -34.63
CA ALA A 94 12.36 16.32 -35.04
C ALA A 94 13.44 15.81 -35.99
N GLU A 95 13.84 16.65 -36.96
CA GLU A 95 14.94 16.31 -37.87
C GLU A 95 16.02 17.41 -37.88
N LEU A 96 17.27 16.98 -37.72
CA LEU A 96 18.42 17.87 -37.81
C LEU A 96 19.29 17.49 -39.01
N GLY A 97 19.05 18.19 -40.13
CA GLY A 97 19.70 17.86 -41.40
C GLY A 97 18.92 16.87 -42.25
N SER A 98 18.91 17.13 -43.55
CA SER A 98 18.32 16.25 -44.57
C SER A 98 19.26 16.18 -45.78
N ASP A 99 20.56 16.26 -45.50
CA ASP A 99 21.63 16.20 -46.48
C ASP A 99 21.57 14.84 -47.18
N PRO A 100 21.35 14.87 -48.52
CA PRO A 100 21.20 13.64 -49.30
C PRO A 100 22.53 12.90 -49.49
N THR A 101 23.66 13.59 -49.26
CA THR A 101 24.97 12.95 -49.25
C THR A 101 25.32 12.28 -47.89
N LYS A 102 24.35 12.23 -46.98
CA LYS A 102 24.56 11.73 -45.61
C LYS A 102 23.59 10.61 -45.27
N GLY A 103 24.03 9.68 -44.42
CA GLY A 103 23.10 8.71 -43.83
C GLY A 103 22.26 9.39 -42.76
N THR A 104 21.23 8.68 -42.26
CA THR A 104 20.34 9.22 -41.23
C THR A 104 20.12 8.27 -40.05
N VAL A 105 20.37 8.78 -38.84
CA VAL A 105 20.16 8.05 -37.59
C VAL A 105 19.02 8.66 -36.77
N CYS A 106 18.14 7.82 -36.24
CA CYS A 106 17.03 8.28 -35.41
C CYS A 106 17.21 7.90 -33.96
N PHE A 107 16.94 8.83 -33.05
CA PHE A 107 17.03 8.56 -31.61
C PHE A 107 15.66 8.59 -30.95
N TYR A 108 15.35 7.57 -30.17
CA TYR A 108 14.11 7.52 -29.41
C TYR A 108 14.42 7.73 -27.93
N GLY A 109 13.66 8.63 -27.29
CA GLY A 109 13.70 8.71 -25.82
C GLY A 109 12.36 9.09 -25.23
N HIS A 110 12.28 9.15 -23.90
CA HIS A 110 11.03 9.59 -23.23
C HIS A 110 11.34 10.55 -22.10
N LEU A 111 10.48 11.55 -21.93
CA LEU A 111 10.70 12.59 -20.91
C LEU A 111 9.68 12.55 -19.77
N ASP A 112 8.83 11.53 -19.76
CA ASP A 112 8.05 11.20 -18.57
C ASP A 112 8.83 10.30 -17.61
N VAL A 113 8.49 10.42 -16.33
CA VAL A 113 9.15 9.70 -15.25
C VAL A 113 8.11 8.90 -14.40
N GLN A 114 8.62 7.87 -13.71
CA GLN A 114 7.91 7.14 -12.66
C GLN A 114 7.65 8.09 -11.49
N PRO A 115 6.51 7.91 -10.78
CA PRO A 115 6.24 8.73 -9.59
C PRO A 115 7.39 8.68 -8.58
N ALA A 116 7.56 9.77 -7.85
CA ALA A 116 8.52 9.82 -6.78
C ALA A 116 7.94 10.59 -5.62
N ASP A 117 7.70 9.89 -4.52
CA ASP A 117 7.34 10.58 -3.30
C ASP A 117 8.51 10.47 -2.36
N ARG A 118 8.89 11.58 -1.77
CA ARG A 118 9.99 11.61 -0.82
C ARG A 118 9.77 10.68 0.38
N GLY A 119 8.52 10.56 0.82
CA GLY A 119 8.16 9.61 1.87
C GLY A 119 8.38 8.14 1.55
N ASP A 120 8.59 7.83 0.27
CA ASP A 120 8.88 6.46 -0.17
C ASP A 120 10.23 5.97 0.35
N GLY A 121 11.11 6.89 0.78
CA GLY A 121 12.44 6.52 1.31
C GLY A 121 13.61 7.25 0.66
N TRP A 122 13.33 8.40 0.07
CA TRP A 122 14.36 9.24 -0.58
C TRP A 122 15.15 10.01 0.47
N LEU A 123 16.47 10.01 0.34
CA LEU A 123 17.36 10.79 1.21
C LEU A 123 17.55 12.20 0.69
N THR A 124 17.04 12.45 -0.51
CA THR A 124 17.07 13.76 -1.13
C THR A 124 15.68 14.05 -1.67
N ASP A 125 15.44 15.31 -2.02
CA ASP A 125 14.22 15.67 -2.72
C ASP A 125 14.31 15.11 -4.15
N PRO A 126 13.41 14.15 -4.50
CA PRO A 126 13.48 13.43 -5.80
C PRO A 126 13.59 14.33 -7.03
N TYR A 127 13.04 15.54 -6.94
CA TYR A 127 12.98 16.48 -8.05
C TYR A 127 13.99 17.63 -7.95
N VAL A 128 14.92 17.50 -7.00
CA VAL A 128 16.05 18.44 -6.90
C VAL A 128 17.31 17.61 -7.16
N LEU A 129 17.90 17.73 -8.36
CA LEU A 129 19.15 16.98 -8.68
C LEU A 129 20.22 17.35 -7.65
N THR A 130 20.71 16.36 -6.91
CA THR A 130 21.68 16.58 -5.85
C THR A 130 22.92 15.71 -6.17
N GLU A 131 24.09 16.33 -6.26
CA GLU A 131 25.31 15.57 -6.53
C GLU A 131 25.93 15.13 -5.22
N VAL A 132 26.21 13.85 -5.09
CA VAL A 132 26.87 13.31 -3.91
C VAL A 132 27.93 12.33 -4.41
N ASP A 133 29.20 12.58 -4.07
CA ASP A 133 30.33 11.76 -4.54
C ASP A 133 30.23 11.35 -6.02
N GLY A 134 30.17 12.36 -6.91
CA GLY A 134 30.06 12.13 -8.34
C GLY A 134 28.77 11.46 -8.83
N LYS A 135 27.76 11.32 -7.98
CA LYS A 135 26.47 10.72 -8.37
C LYS A 135 25.35 11.78 -8.36
N LEU A 136 24.59 11.85 -9.45
CA LEU A 136 23.55 12.89 -9.58
C LEU A 136 22.19 12.28 -9.26
N TYR A 137 21.66 12.59 -8.09
CA TYR A 137 20.46 11.94 -7.56
C TYR A 137 19.19 12.70 -7.92
N GLY A 138 18.19 11.99 -8.43
CA GLY A 138 16.95 12.63 -8.81
C GLY A 138 16.12 11.70 -9.67
N ARG A 139 14.82 11.88 -9.62
CA ARG A 139 13.93 11.08 -10.46
C ARG A 139 14.07 11.45 -11.95
N GLY A 140 14.34 10.45 -12.78
CA GLY A 140 14.59 10.67 -14.22
C GLY A 140 16.05 10.91 -14.59
N ALA A 141 16.95 10.87 -13.61
CA ALA A 141 18.39 11.12 -13.87
C ALA A 141 18.96 10.13 -14.87
N THR A 142 18.70 8.84 -14.66
CA THR A 142 19.07 7.78 -15.59
C THR A 142 17.87 7.40 -16.53
N ASP A 143 16.65 7.46 -16.01
CA ASP A 143 15.44 6.98 -16.72
C ASP A 143 14.35 8.09 -16.89
N ASN A 144 14.40 8.91 -17.94
CA ASN A 144 15.36 8.84 -19.04
C ASN A 144 15.94 10.21 -19.47
N LYS A 145 16.00 11.17 -18.55
CA LYS A 145 16.39 12.56 -18.91
C LYS A 145 17.90 12.69 -19.11
N GLY A 146 18.68 12.01 -18.26
CA GLY A 146 20.15 11.94 -18.42
C GLY A 146 20.60 11.52 -19.81
N PRO A 147 20.24 10.31 -20.26
CA PRO A 147 20.62 9.87 -21.60
C PRO A 147 20.00 10.64 -22.77
N VAL A 148 18.79 11.16 -22.63
CA VAL A 148 18.25 12.05 -23.67
C VAL A 148 19.11 13.30 -23.80
N LEU A 149 19.48 13.88 -22.66
CA LEU A 149 20.29 15.12 -22.66
C LEU A 149 21.71 14.88 -23.10
N ALA A 150 22.26 13.71 -22.76
CA ALA A 150 23.61 13.34 -23.19
C ALA A 150 23.70 13.31 -24.72
N TRP A 151 22.69 12.74 -25.37
CA TRP A 151 22.52 12.74 -26.82
C TRP A 151 22.35 14.13 -27.38
N ILE A 152 21.43 14.90 -26.78
CA ILE A 152 21.21 16.30 -27.20
C ILE A 152 22.46 17.17 -27.00
N ASN A 153 23.14 16.98 -25.87
CA ASN A 153 24.34 17.74 -25.57
C ASN A 153 25.48 17.42 -26.55
N ALA A 154 25.69 16.14 -26.89
CA ALA A 154 26.61 15.75 -27.97
C ALA A 154 26.37 16.53 -29.29
N VAL A 155 25.12 16.56 -29.74
CA VAL A 155 24.74 17.32 -30.94
C VAL A 155 25.07 18.80 -30.79
N SER A 156 24.79 19.34 -29.61
CA SER A 156 25.02 20.76 -29.31
C SER A 156 26.51 21.13 -29.29
N ALA A 157 27.40 20.16 -29.10
CA ALA A 157 28.84 20.39 -29.21
C ALA A 157 29.32 20.61 -30.66
N PHE A 158 28.89 19.77 -31.60
CA PHE A 158 29.14 19.96 -33.04
C PHE A 158 28.51 21.28 -33.54
N ARG A 159 27.31 21.58 -33.05
CA ARG A 159 26.60 22.80 -33.45
C ARG A 159 27.29 24.09 -32.95
N ALA A 160 27.63 24.14 -31.66
CA ALA A 160 28.37 25.26 -31.08
C ALA A 160 29.70 25.51 -31.81
N LEU A 161 30.41 24.45 -32.18
CA LEU A 161 31.71 24.57 -32.85
C LEU A 161 31.63 24.71 -34.37
N GLU A 162 30.43 24.77 -34.92
CA GLU A 162 30.21 24.83 -36.38
C GLU A 162 30.94 23.69 -37.08
N GLN A 163 30.96 22.55 -36.42
CA GLN A 163 31.42 21.36 -37.04
C GLN A 163 30.23 20.60 -37.62
N ASP A 164 30.36 20.28 -38.90
CA ASP A 164 29.50 19.38 -39.64
C ASP A 164 29.23 18.12 -38.82
N LEU A 165 27.94 17.83 -38.61
CA LEU A 165 27.51 16.56 -38.05
C LEU A 165 27.64 15.48 -39.14
N PRO A 166 28.34 14.38 -38.84
CA PRO A 166 28.60 13.29 -39.78
C PRO A 166 27.35 12.62 -40.41
N VAL A 167 26.25 12.57 -39.65
CA VAL A 167 24.99 11.99 -40.11
C VAL A 167 23.86 13.00 -39.89
N ASN A 168 22.78 12.87 -40.67
CA ASN A 168 21.53 13.53 -40.33
C ASN A 168 21.00 12.87 -39.05
N ILE A 169 20.29 13.64 -38.23
CA ILE A 169 19.77 13.11 -36.99
C ILE A 169 18.30 13.40 -36.86
N LYS A 170 17.56 12.34 -36.59
CA LYS A 170 16.16 12.42 -36.28
C LYS A 170 15.93 12.11 -34.79
N PHE A 171 14.93 12.76 -34.22
CA PHE A 171 14.56 12.50 -32.82
C PHE A 171 13.08 12.16 -32.78
N ILE A 172 12.76 11.06 -32.10
CA ILE A 172 11.37 10.80 -31.68
C ILE A 172 11.29 10.69 -30.15
N ILE A 173 10.72 11.71 -29.51
CA ILE A 173 10.66 11.76 -28.05
C ILE A 173 9.22 11.85 -27.57
N GLU A 174 8.83 10.91 -26.71
CA GLU A 174 7.47 10.84 -26.20
C GLU A 174 7.41 11.17 -24.71
N GLY A 175 6.19 11.35 -24.22
CA GLY A 175 5.95 11.63 -22.83
C GLY A 175 5.06 10.64 -22.10
N MET A 176 4.95 9.41 -22.61
CA MET A 176 4.09 8.38 -21.99
C MET A 176 4.70 6.99 -21.87
N GLU A 177 6.03 6.88 -21.83
CA GLU A 177 6.69 5.57 -21.82
C GLU A 177 6.40 4.77 -20.55
N GLU A 178 6.39 5.45 -19.42
CA GLU A 178 6.09 4.83 -18.12
C GLU A 178 4.61 4.45 -17.93
N ALA A 179 3.78 4.87 -18.87
CA ALA A 179 2.37 4.52 -18.87
C ALA A 179 1.97 3.85 -20.20
N GLY A 180 2.78 2.90 -20.67
CA GLY A 180 2.44 2.07 -21.83
C GLY A 180 2.50 2.70 -23.22
N SER A 181 3.21 3.84 -23.35
CA SER A 181 3.35 4.55 -24.63
C SER A 181 2.02 4.76 -25.38
N VAL A 182 1.00 5.19 -24.63
CA VAL A 182 -0.35 5.41 -25.16
C VAL A 182 -0.29 6.21 -26.46
N ALA A 183 -0.85 5.62 -27.52
CA ALA A 183 -0.99 6.24 -28.84
C ALA A 183 0.30 6.30 -29.66
N LEU A 184 1.41 5.79 -29.14
CA LEU A 184 2.67 5.87 -29.89
C LEU A 184 2.64 4.97 -31.14
N GLU A 185 2.28 3.70 -30.93
CA GLU A 185 2.26 2.69 -32.01
C GLU A 185 1.46 3.10 -33.27
N GLU A 186 0.30 3.72 -33.07
CA GLU A 186 -0.50 4.25 -34.18
C GLU A 186 0.18 5.41 -34.93
N LEU A 187 0.89 6.27 -34.18
CA LEU A 187 1.65 7.35 -34.79
C LEU A 187 2.83 6.79 -35.57
N VAL A 188 3.52 5.82 -34.97
CA VAL A 188 4.66 5.15 -35.61
C VAL A 188 4.20 4.51 -36.91
N GLU A 189 3.16 3.68 -36.82
CA GLU A 189 2.48 3.07 -37.97
C GLU A 189 2.15 4.09 -39.06
N LYS A 190 1.45 5.18 -38.69
CA LYS A 190 1.18 6.30 -39.61
C LYS A 190 2.43 6.89 -40.27
N GLU A 191 3.55 6.87 -39.53
CA GLU A 191 4.82 7.49 -39.97
C GLU A 191 5.86 6.54 -40.58
N LYS A 192 5.55 5.24 -40.65
CA LYS A 192 6.52 4.22 -41.12
C LYS A 192 7.19 4.54 -42.47
N ASP A 193 6.41 5.14 -43.38
CA ASP A 193 6.92 5.54 -44.69
C ASP A 193 6.86 7.05 -44.88
N ARG A 194 6.96 7.79 -43.79
CA ARG A 194 6.86 9.25 -43.84
C ARG A 194 8.07 9.83 -43.11
N PHE A 195 7.99 9.97 -41.78
CA PHE A 195 9.13 10.36 -40.97
C PHE A 195 10.25 9.30 -40.94
N PHE A 196 9.87 8.03 -40.99
CA PHE A 196 10.84 6.94 -40.89
C PHE A 196 11.37 6.48 -42.23
N SER A 197 10.86 7.08 -43.30
CA SER A 197 11.31 6.83 -44.65
C SER A 197 12.79 7.25 -44.75
N GLY A 198 13.66 6.27 -44.97
CA GLY A 198 15.08 6.56 -45.15
C GLY A 198 15.92 6.75 -43.89
N VAL A 199 15.30 6.57 -42.72
CA VAL A 199 16.04 6.46 -41.46
C VAL A 199 16.86 5.16 -41.53
N ASP A 200 18.17 5.26 -41.37
CA ASP A 200 19.02 4.09 -41.54
C ASP A 200 19.03 3.20 -40.32
N TYR A 201 19.39 3.76 -39.16
CA TYR A 201 19.40 3.04 -37.90
C TYR A 201 18.64 3.80 -36.80
N ILE A 202 18.13 3.08 -35.79
CA ILE A 202 17.45 3.68 -34.62
C ILE A 202 18.21 3.36 -33.33
N VAL A 203 18.39 4.38 -32.49
CA VAL A 203 19.11 4.24 -31.22
C VAL A 203 18.16 4.46 -30.03
N ILE A 204 18.34 3.63 -29.00
CA ILE A 204 17.67 3.79 -27.72
C ILE A 204 18.75 3.73 -26.66
N SER A 205 18.71 4.65 -25.70
CA SER A 205 19.63 4.63 -24.59
C SER A 205 18.82 4.69 -23.29
N ASP A 206 18.34 3.54 -22.84
CA ASP A 206 17.50 3.53 -21.65
C ASP A 206 17.66 2.23 -20.90
N ASN A 207 18.91 1.94 -20.56
CA ASN A 207 19.27 0.68 -19.92
C ASN A 207 20.63 0.77 -19.30
N LEU A 208 20.99 -0.25 -18.51
CA LEU A 208 22.14 -0.18 -17.63
C LEU A 208 23.26 -1.17 -18.01
N TRP A 209 24.48 -0.82 -17.63
CA TRP A 209 25.60 -1.76 -17.67
C TRP A 209 25.38 -2.78 -16.56
N ILE A 210 26.21 -3.82 -16.52
CA ILE A 210 26.10 -4.85 -15.48
C ILE A 210 27.31 -4.78 -14.53
N SER A 211 28.41 -4.23 -15.01
CA SER A 211 29.65 -4.13 -14.20
C SER A 211 30.23 -2.74 -14.31
N LYS A 214 33.30 -2.31 -16.94
CA LYS A 214 33.20 -2.56 -18.39
C LYS A 214 31.89 -2.03 -18.99
N PRO A 215 31.99 -1.18 -20.04
CA PRO A 215 30.79 -0.65 -20.69
C PRO A 215 30.11 -1.75 -21.48
N ALA A 216 28.93 -1.48 -21.99
CA ALA A 216 28.17 -2.55 -22.61
C ALA A 216 27.45 -2.07 -23.84
N ILE A 217 27.08 -3.05 -24.68
CA ILE A 217 26.06 -2.87 -25.70
C ILE A 217 25.04 -3.99 -25.49
N THR A 218 23.75 -3.64 -25.59
CA THR A 218 22.66 -4.55 -25.24
C THR A 218 21.91 -4.97 -26.50
N TYR A 219 21.79 -6.28 -26.71
CA TYR A 219 21.24 -6.81 -27.96
C TYR A 219 20.05 -7.75 -27.78
N GLY A 220 19.63 -7.95 -26.53
CA GLY A 220 18.45 -8.75 -26.25
C GLY A 220 17.78 -8.36 -24.96
N THR A 221 16.45 -8.50 -24.92
CA THR A 221 15.65 -8.15 -23.75
C THR A 221 14.65 -9.28 -23.42
N ARG A 222 14.16 -9.33 -22.18
CA ARG A 222 13.12 -10.30 -21.87
C ARG A 222 11.74 -9.74 -22.25
N GLY A 223 10.78 -10.64 -22.48
CA GLY A 223 9.38 -10.27 -22.54
C GLY A 223 8.81 -10.10 -21.13
N ASN A 224 7.50 -9.86 -21.05
CA ASN A 224 6.82 -9.78 -19.77
C ASN A 224 5.35 -10.17 -19.82
N SER A 225 4.84 -10.67 -18.70
CA SER A 225 3.41 -10.86 -18.56
C SER A 225 3.00 -10.39 -17.16
N TYR A 226 2.17 -9.36 -17.11
CA TYR A 226 1.72 -8.78 -15.87
C TYR A 226 0.32 -9.30 -15.52
N PHE A 227 0.19 -9.88 -14.33
CA PHE A 227 -1.08 -10.45 -13.87
C PHE A 227 -1.65 -9.66 -12.70
N MET A 228 -2.96 -9.52 -12.71
CA MET A 228 -3.72 -8.99 -11.62
C MET A 228 -4.65 -10.09 -11.18
N VAL A 229 -4.69 -10.36 -9.88
CA VAL A 229 -5.57 -11.39 -9.33
C VAL A 229 -6.49 -10.76 -8.30
N GLU A 230 -7.74 -10.54 -8.70
CA GLU A 230 -8.75 -10.00 -7.81
C GLU A 230 -9.50 -11.08 -7.05
N VAL A 231 -9.53 -10.96 -5.73
CA VAL A 231 -10.42 -11.76 -4.91
C VAL A 231 -11.42 -10.82 -4.22
N LYS A 232 -12.71 -11.08 -4.42
CA LYS A 232 -13.76 -10.17 -3.95
C LYS A 232 -14.83 -10.90 -3.15
N CYS A 233 -15.09 -10.39 -1.95
CA CYS A 233 -16.23 -10.79 -1.11
C CYS A 233 -17.39 -9.80 -1.37
N ARG A 234 -17.30 -8.63 -0.76
CA ARG A 234 -18.18 -7.53 -1.10
C ARG A 234 -17.21 -6.38 -1.17
N ASP A 235 -17.70 -5.22 -1.56
CA ASP A 235 -16.88 -4.04 -1.73
C ASP A 235 -16.46 -3.44 -0.38
N GLN A 236 -17.35 -3.48 0.60
CA GLN A 236 -17.07 -2.90 1.91
C GLN A 236 -16.16 -3.82 2.74
N ASP A 237 -15.19 -3.23 3.44
CA ASP A 237 -14.31 -3.97 4.35
C ASP A 237 -15.07 -4.31 5.61
N PHE A 238 -14.50 -5.20 6.43
CA PHE A 238 -15.09 -5.58 7.71
C PHE A 238 -14.15 -5.22 8.86
N HIS A 239 -14.75 -4.95 10.01
CA HIS A 239 -14.01 -4.83 11.27
C HIS A 239 -13.52 -6.25 11.60
N SER A 240 -12.23 -6.41 11.84
CA SER A 240 -11.65 -7.76 11.90
C SER A 240 -12.00 -8.50 13.18
N GLY A 241 -12.53 -7.79 14.16
CA GLY A 241 -13.02 -8.40 15.39
C GLY A 241 -14.51 -8.68 15.39
N THR A 242 -15.29 -7.70 14.94
CA THR A 242 -16.74 -7.81 14.88
C THR A 242 -17.12 -8.93 13.92
N PHE A 243 -16.35 -9.08 12.83
CA PHE A 243 -16.60 -10.16 11.86
C PHE A 243 -15.50 -11.24 11.79
N GLY A 244 -14.58 -11.24 12.75
CA GLY A 244 -13.44 -12.19 12.70
C GLY A 244 -13.85 -13.60 13.10
N GLY A 245 -13.52 -14.58 12.25
CA GLY A 245 -13.80 -15.99 12.50
C GLY A 245 -14.83 -16.66 11.61
N ILE A 246 -15.60 -15.89 10.85
CA ILE A 246 -16.78 -16.42 10.13
C ILE A 246 -16.76 -16.19 8.61
N LEU A 247 -15.78 -15.44 8.12
CA LEU A 247 -15.66 -15.20 6.68
C LEU A 247 -14.57 -15.99 5.98
N HIS A 248 -14.81 -16.29 4.71
CA HIS A 248 -13.75 -16.60 3.78
C HIS A 248 -13.15 -15.25 3.43
N GLU A 249 -11.99 -14.96 4.00
CA GLU A 249 -11.40 -13.63 3.86
C GLU A 249 -10.62 -13.50 2.55
N PRO A 250 -11.00 -12.50 1.71
CA PRO A 250 -10.27 -12.22 0.47
C PRO A 250 -8.75 -12.27 0.62
N MET A 251 -8.20 -11.65 1.69
CA MET A 251 -6.74 -11.68 1.93
C MET A 251 -6.18 -13.10 2.13
N ALA A 252 -6.93 -13.96 2.83
CA ALA A 252 -6.49 -15.33 3.06
C ALA A 252 -6.41 -16.11 1.72
N ASP A 253 -7.42 -15.95 0.86
CA ASP A 253 -7.45 -16.52 -0.49
C ASP A 253 -6.30 -15.97 -1.37
N LEU A 254 -6.13 -14.66 -1.40
CA LEU A 254 -5.10 -14.03 -2.22
C LEU A 254 -3.70 -14.45 -1.83
N VAL A 255 -3.42 -14.46 -0.52
CA VAL A 255 -2.14 -14.90 -0.02
C VAL A 255 -1.82 -16.37 -0.38
N ALA A 256 -2.84 -17.22 -0.36
CA ALA A 256 -2.67 -18.60 -0.80
C ALA A 256 -2.44 -18.67 -2.32
N LEU A 257 -3.16 -17.86 -3.09
CA LEU A 257 -2.92 -17.76 -4.54
C LEU A 257 -1.52 -17.29 -4.88
N LEU A 258 -1.11 -16.18 -4.29
CA LEU A 258 0.24 -15.64 -4.49
C LEU A 258 1.35 -16.59 -4.00
N GLY A 259 1.09 -17.30 -2.90
CA GLY A 259 2.04 -18.24 -2.35
C GLY A 259 2.19 -19.54 -3.11
N SER A 260 1.35 -19.76 -4.11
CA SER A 260 1.34 -20.98 -4.92
C SER A 260 2.19 -20.86 -6.21
N LEU A 261 2.81 -19.70 -6.43
CA LEU A 261 3.40 -19.33 -7.72
C LEU A 261 4.88 -19.68 -7.90
N VAL A 262 5.66 -19.57 -6.83
CA VAL A 262 7.12 -19.68 -6.90
C VAL A 262 7.64 -20.33 -5.61
N ASP A 263 8.72 -21.10 -5.67
CA ASP A 263 9.23 -21.66 -4.42
C ASP A 263 10.41 -20.88 -3.85
N SER A 264 10.98 -21.34 -2.74
CA SER A 264 12.09 -20.60 -2.10
C SER A 264 13.37 -20.53 -2.94
N SER A 265 13.52 -21.41 -3.95
CA SER A 265 14.68 -21.33 -4.86
C SER A 265 14.46 -20.47 -6.11
N GLY A 266 13.33 -19.78 -6.18
CA GLY A 266 13.02 -19.00 -7.35
C GLY A 266 12.33 -19.79 -8.46
N HIS A 267 12.17 -21.09 -8.27
CA HIS A 267 11.60 -21.96 -9.28
C HIS A 267 10.09 -21.75 -9.33
N ILE A 268 9.61 -21.46 -10.54
CA ILE A 268 8.20 -21.14 -10.78
C ILE A 268 7.35 -22.41 -10.80
N LEU A 269 6.26 -22.39 -10.05
CA LEU A 269 5.43 -23.56 -9.79
C LEU A 269 4.20 -23.71 -10.72
N VAL A 270 3.96 -22.73 -11.59
CA VAL A 270 2.88 -22.83 -12.58
C VAL A 270 3.21 -23.96 -13.56
N PRO A 271 2.35 -25.01 -13.64
CA PRO A 271 2.64 -26.08 -14.63
C PRO A 271 2.66 -25.60 -16.10
N GLY A 272 3.62 -26.11 -16.86
CA GLY A 272 3.82 -25.74 -18.25
C GLY A 272 4.82 -24.62 -18.51
N ILE A 273 5.14 -23.81 -17.50
CA ILE A 273 5.98 -22.61 -17.70
C ILE A 273 7.37 -22.84 -18.33
N TYR A 274 7.96 -24.02 -18.15
CA TYR A 274 9.32 -24.28 -18.68
C TYR A 274 9.31 -25.08 -19.98
N ASP A 275 8.14 -25.52 -20.39
CA ASP A 275 7.98 -26.35 -21.57
C ASP A 275 8.72 -25.84 -22.79
N GLU A 276 8.61 -24.54 -23.05
CA GLU A 276 9.09 -23.95 -24.29
C GLU A 276 10.34 -23.09 -24.17
N VAL A 277 10.97 -23.04 -22.99
CA VAL A 277 12.26 -22.33 -22.83
C VAL A 277 13.31 -23.03 -23.68
N VAL A 278 14.09 -22.29 -24.48
CA VAL A 278 15.09 -22.98 -25.33
C VAL A 278 16.11 -23.73 -24.46
N PRO A 279 16.51 -24.94 -24.91
CA PRO A 279 17.51 -25.71 -24.16
C PRO A 279 18.84 -24.98 -24.09
N LEU A 280 19.45 -24.98 -22.91
CA LEU A 280 20.81 -24.49 -22.74
C LEU A 280 21.78 -25.39 -23.49
N THR A 281 22.63 -24.78 -24.33
CA THR A 281 23.67 -25.51 -25.08
C THR A 281 25.08 -25.13 -24.61
N GLU A 282 26.04 -25.98 -24.94
CA GLU A 282 27.48 -25.70 -24.81
C GLU A 282 27.91 -24.32 -25.37
N GLU A 283 27.51 -24.03 -26.60
CA GLU A 283 27.77 -22.76 -27.27
C GLU A 283 27.31 -21.59 -26.43
N GLU A 284 26.06 -21.69 -25.97
CA GLU A 284 25.42 -20.67 -25.15
C GLU A 284 26.13 -20.48 -23.83
N ILE A 285 26.43 -21.58 -23.14
CA ILE A 285 27.20 -21.54 -21.91
C ILE A 285 28.51 -20.76 -22.11
N ASN A 286 29.18 -21.00 -23.23
CA ASN A 286 30.46 -20.35 -23.54
C ASN A 286 30.38 -18.83 -23.66
N THR A 287 29.32 -18.34 -24.31
CA THR A 287 28.97 -16.93 -24.39
C THR A 287 28.89 -16.26 -23.01
N TYR A 288 28.31 -16.96 -22.03
CA TYR A 288 28.22 -16.47 -20.66
C TYR A 288 29.54 -16.45 -19.93
N LYS A 289 30.36 -17.49 -20.14
CA LYS A 289 31.69 -17.56 -19.57
C LYS A 289 32.58 -16.40 -20.04
N ALA A 290 32.30 -15.85 -21.23
CA ALA A 290 33.11 -14.78 -21.81
C ALA A 290 32.71 -13.37 -21.37
N ILE A 291 31.63 -13.26 -20.60
CA ILE A 291 31.16 -11.97 -20.06
C ILE A 291 32.00 -11.62 -18.81
N HIS A 292 32.26 -10.32 -18.64
CA HIS A 292 33.10 -9.83 -17.52
C HIS A 292 32.25 -9.35 -16.35
N LEU A 293 32.18 -10.15 -15.29
CA LEU A 293 31.40 -9.79 -14.12
C LEU A 293 32.00 -10.39 -12.85
N ASP A 294 32.49 -9.51 -11.98
CA ASP A 294 32.97 -9.90 -10.68
C ASP A 294 31.76 -9.99 -9.78
N LEU A 295 31.54 -11.19 -9.24
CA LEU A 295 30.37 -11.48 -8.42
C LEU A 295 30.41 -10.87 -7.01
N GLU A 296 31.62 -10.63 -6.49
CA GLU A 296 31.76 -9.89 -5.23
C GLU A 296 31.44 -8.40 -5.42
N GLU A 297 31.79 -7.86 -6.59
CA GLU A 297 31.53 -6.45 -6.94
C GLU A 297 30.04 -6.21 -7.14
N TYR A 298 29.38 -7.17 -7.78
CA TYR A 298 27.96 -7.11 -8.05
C TYR A 298 27.16 -7.24 -6.77
N ARG A 299 27.54 -8.18 -5.90
CA ARG A 299 26.90 -8.27 -4.58
C ARG A 299 27.04 -6.96 -3.83
N ASN A 300 28.21 -6.33 -3.93
CA ASN A 300 28.48 -5.11 -3.21
C ASN A 300 27.71 -3.85 -3.62
N SER A 301 27.60 -3.63 -4.92
CA SER A 301 26.84 -2.46 -5.42
C SER A 301 25.33 -2.62 -5.23
N SER A 302 24.87 -3.87 -5.08
CA SER A 302 23.46 -4.23 -4.90
C SER A 302 23.12 -4.30 -3.43
N ARG A 303 24.14 -4.47 -2.60
CA ARG A 303 24.00 -4.48 -1.14
C ARG A 303 23.11 -5.65 -0.76
N VAL A 304 23.36 -6.75 -1.47
CA VAL A 304 22.67 -8.03 -1.29
C VAL A 304 23.67 -9.03 -0.68
N GLU A 305 23.27 -9.64 0.44
CA GLU A 305 24.10 -10.61 1.15
C GLU A 305 24.48 -11.76 0.24
N LYS A 306 23.46 -12.46 -0.26
CA LYS A 306 23.65 -13.53 -1.22
C LYS A 306 22.49 -13.57 -2.19
N PHE A 307 22.80 -13.97 -3.42
CA PHE A 307 21.84 -14.17 -4.46
C PHE A 307 21.36 -15.63 -4.41
N LEU A 308 20.40 -15.97 -5.25
CA LEU A 308 19.95 -17.37 -5.35
C LEU A 308 21.01 -18.32 -5.86
N PHE A 309 22.02 -17.77 -6.54
CA PHE A 309 23.11 -18.55 -7.15
C PHE A 309 24.51 -18.02 -6.79
N ASP A 310 25.50 -18.90 -6.97
CA ASP A 310 26.89 -18.75 -6.52
C ASP A 310 27.87 -18.33 -7.62
N THR A 311 27.50 -18.49 -8.89
CA THR A 311 28.43 -18.25 -10.04
C THR A 311 27.89 -17.19 -10.99
N LYS A 312 28.82 -16.47 -11.64
CA LYS A 312 28.53 -15.47 -12.67
C LYS A 312 27.56 -15.98 -13.76
N GLU A 313 27.78 -17.22 -14.19
CA GLU A 313 27.06 -17.78 -15.31
C GLU A 313 25.58 -18.03 -14.98
N GLU A 314 25.34 -18.60 -13.81
CA GLU A 314 23.99 -18.81 -13.30
C GLU A 314 23.23 -17.52 -13.07
N ILE A 315 23.91 -16.53 -12.48
CA ILE A 315 23.34 -15.19 -12.22
C ILE A 315 22.85 -14.54 -13.52
N LEU A 316 23.73 -14.50 -14.51
CA LEU A 316 23.45 -13.82 -15.77
C LEU A 316 22.37 -14.50 -16.59
N MET A 317 22.44 -15.83 -16.65
CA MET A 317 21.43 -16.63 -17.33
C MET A 317 20.04 -16.50 -16.69
N HIS A 318 19.99 -16.43 -15.37
CA HIS A 318 18.69 -16.26 -14.71
C HIS A 318 18.04 -14.89 -14.91
N LEU A 319 18.90 -13.90 -15.18
CA LEU A 319 18.53 -12.57 -15.60
C LEU A 319 18.13 -12.46 -17.07
N TRP A 320 18.81 -13.21 -17.93
CA TRP A 320 18.70 -12.98 -19.37
C TRP A 320 17.91 -14.02 -20.16
N ARG A 321 17.99 -15.27 -19.74
CA ARG A 321 17.53 -16.37 -20.60
C ARG A 321 16.69 -17.44 -19.89
N TYR A 322 16.46 -17.24 -18.59
CA TYR A 322 15.46 -18.00 -17.87
C TYR A 322 14.29 -17.09 -17.45
N PRO A 323 13.05 -17.64 -17.41
CA PRO A 323 11.94 -16.82 -16.95
C PRO A 323 12.06 -16.54 -15.44
N SER A 324 11.39 -15.51 -14.95
CA SER A 324 11.44 -15.19 -13.55
C SER A 324 10.06 -14.69 -13.13
N LEU A 325 9.73 -14.90 -11.85
CA LEU A 325 8.44 -14.46 -11.33
C LEU A 325 8.64 -13.55 -10.12
N SER A 326 8.02 -12.36 -10.16
CA SER A 326 8.09 -11.40 -9.06
C SER A 326 6.71 -10.97 -8.60
N ILE A 327 6.48 -11.02 -7.28
CA ILE A 327 5.25 -10.51 -6.71
C ILE A 327 5.51 -9.08 -6.29
N HIS A 328 4.69 -8.18 -6.82
CA HIS A 328 4.88 -6.74 -6.69
C HIS A 328 4.15 -6.16 -5.49
N GLY A 329 2.93 -6.63 -5.23
CA GLY A 329 2.14 -6.04 -4.18
C GLY A 329 0.70 -6.47 -4.20
N ILE A 330 -0.07 -5.88 -3.29
CA ILE A 330 -1.49 -6.10 -3.17
C ILE A 330 -2.17 -4.72 -3.14
N GLU A 331 -3.26 -4.57 -3.90
CA GLU A 331 -4.07 -3.34 -3.86
C GLU A 331 -5.40 -3.64 -3.11
N GLY A 332 -5.88 -2.71 -2.28
CA GLY A 332 -7.20 -2.78 -1.63
C GLY A 332 -7.19 -3.18 -0.18
N ALA A 333 -6.01 -3.47 0.36
CA ALA A 333 -5.82 -3.83 1.77
C ALA A 333 -5.19 -2.69 2.58
N PHE A 334 -4.79 -2.99 3.82
CA PHE A 334 -4.19 -1.98 4.67
C PHE A 334 -2.68 -1.88 4.44
N ASP A 335 -2.24 -0.80 3.80
CA ASP A 335 -0.88 -0.66 3.27
C ASP A 335 -0.16 0.57 3.79
N GLU A 336 -0.81 1.31 4.68
CA GLU A 336 -0.18 2.47 5.30
C GLU A 336 0.52 2.03 6.61
N PRO A 337 1.40 2.88 7.17
CA PRO A 337 1.98 2.60 8.53
C PRO A 337 0.96 2.49 9.67
N GLY A 338 1.22 1.61 10.63
CA GLY A 338 0.34 1.42 11.74
C GLY A 338 -0.36 0.07 11.77
N THR A 339 -1.43 0.02 12.55
CA THR A 339 -2.04 -1.21 13.00
C THR A 339 -3.57 -1.21 12.81
N LYS A 340 -4.05 -1.07 11.57
CA LYS A 340 -5.48 -1.07 11.31
C LYS A 340 -6.02 -2.47 11.43
N THR A 341 -7.14 -2.62 12.15
CA THR A 341 -7.83 -3.89 12.32
C THR A 341 -9.04 -4.05 11.33
N VAL A 342 -8.69 -4.52 10.14
CA VAL A 342 -9.60 -4.52 9.00
C VAL A 342 -9.47 -5.85 8.23
N ILE A 343 -10.60 -6.41 7.84
CA ILE A 343 -10.63 -7.47 6.83
C ILE A 343 -11.03 -6.79 5.50
N PRO A 344 -10.07 -6.59 4.58
CA PRO A 344 -10.33 -6.03 3.23
C PRO A 344 -11.41 -6.82 2.49
N GLY A 345 -12.36 -6.14 1.86
CA GLY A 345 -13.43 -6.82 1.13
C GLY A 345 -13.03 -7.22 -0.28
N ARG A 346 -12.13 -6.46 -0.89
CA ARG A 346 -11.74 -6.70 -2.27
C ARG A 346 -10.28 -6.34 -2.42
N VAL A 347 -9.50 -7.31 -2.86
CA VAL A 347 -8.06 -7.15 -2.97
C VAL A 347 -7.56 -7.65 -4.33
N ILE A 348 -6.48 -7.04 -4.83
CA ILE A 348 -5.89 -7.41 -6.11
C ILE A 348 -4.39 -7.66 -5.94
N GLY A 349 -3.97 -8.90 -6.16
CA GLY A 349 -2.56 -9.24 -6.14
C GLY A 349 -1.95 -8.88 -7.47
N LYS A 350 -0.68 -8.45 -7.46
CA LYS A 350 0.06 -8.11 -8.69
C LYS A 350 1.36 -8.87 -8.76
N PHE A 351 1.60 -9.47 -9.92
CA PHE A 351 2.83 -10.19 -10.16
C PHE A 351 3.06 -10.30 -11.66
N SER A 352 4.29 -10.59 -12.04
CA SER A 352 4.61 -10.72 -13.45
C SER A 352 5.65 -11.80 -13.67
N ILE A 353 5.66 -12.32 -14.88
CA ILE A 353 6.62 -13.31 -15.30
C ILE A 353 7.36 -12.75 -16.51
N ARG A 354 8.68 -12.64 -16.37
CA ARG A 354 9.55 -12.26 -17.46
C ARG A 354 9.68 -13.41 -18.41
N LEU A 355 9.56 -13.13 -19.69
CA LEU A 355 9.51 -14.19 -20.68
C LEU A 355 10.78 -14.24 -21.50
N VAL A 356 11.16 -15.45 -21.91
CA VAL A 356 12.36 -15.69 -22.69
C VAL A 356 12.01 -16.62 -23.87
N PRO A 357 12.85 -16.64 -24.91
CA PRO A 357 12.71 -17.65 -25.97
C PRO A 357 12.65 -19.08 -25.42
N HIS A 358 11.73 -19.93 -25.89
CA HIS A 358 10.73 -19.58 -26.89
C HIS A 358 9.29 -19.52 -26.34
N MET A 359 9.09 -18.83 -25.21
CA MET A 359 7.78 -18.82 -24.55
C MET A 359 6.66 -18.06 -25.30
N ASN A 360 5.49 -18.68 -25.39
CA ASN A 360 4.28 -18.04 -25.93
C ASN A 360 3.44 -17.29 -24.87
N VAL A 361 3.22 -15.99 -25.10
CA VAL A 361 2.38 -15.15 -24.24
C VAL A 361 0.97 -15.74 -23.98
N SER A 362 0.32 -16.23 -25.03
CA SER A 362 -1.04 -16.74 -24.90
C SER A 362 -1.06 -18.01 -24.09
N ALA A 363 -0.02 -18.85 -24.26
CA ALA A 363 0.09 -20.09 -23.47
C ALA A 363 0.35 -19.78 -21.99
N VAL A 364 1.26 -18.85 -21.73
CA VAL A 364 1.57 -18.39 -20.38
C VAL A 364 0.31 -17.84 -19.71
N GLU A 365 -0.44 -17.01 -20.42
CA GLU A 365 -1.72 -16.51 -19.91
C GLU A 365 -2.66 -17.67 -19.53
N LYS A 366 -2.82 -18.65 -20.43
CA LYS A 366 -3.66 -19.83 -20.16
C LYS A 366 -3.16 -20.61 -18.95
N GLN A 367 -1.86 -20.93 -18.93
CA GLN A 367 -1.26 -21.70 -17.83
C GLN A 367 -1.42 -21.06 -16.46
N VAL A 368 -1.12 -19.77 -16.36
CA VAL A 368 -1.23 -19.05 -15.07
C VAL A 368 -2.67 -19.02 -14.59
N THR A 369 -3.60 -18.80 -15.52
CA THR A 369 -5.00 -18.72 -15.19
C THR A 369 -5.48 -20.04 -14.65
N ARG A 370 -5.23 -21.13 -15.40
CA ARG A 370 -5.61 -22.49 -14.99
C ARG A 370 -5.03 -22.87 -13.65
N HIS A 371 -3.76 -22.55 -13.45
CA HIS A 371 -3.12 -22.81 -12.19
C HIS A 371 -3.86 -22.12 -11.05
N LEU A 372 -4.13 -20.83 -11.20
CA LEU A 372 -4.79 -20.05 -10.16
C LEU A 372 -6.21 -20.52 -9.84
N GLU A 373 -7.00 -20.81 -10.90
CA GLU A 373 -8.31 -21.45 -10.78
C GLU A 373 -8.24 -22.78 -10.04
N ASP A 374 -7.26 -23.62 -10.36
CA ASP A 374 -7.11 -24.88 -9.65
C ASP A 374 -6.80 -24.69 -8.15
N VAL A 375 -5.92 -23.75 -7.82
CA VAL A 375 -5.62 -23.45 -6.42
C VAL A 375 -6.86 -22.89 -5.71
N PHE A 376 -7.50 -21.91 -6.33
CA PHE A 376 -8.67 -21.28 -5.75
C PHE A 376 -9.83 -22.27 -5.53
N SER A 377 -10.07 -23.14 -6.49
CA SER A 377 -11.22 -24.03 -6.39
C SER A 377 -11.06 -25.00 -5.22
N LYS A 378 -9.84 -25.48 -4.97
CA LYS A 378 -9.49 -26.34 -3.82
C LYS A 378 -9.76 -25.72 -2.44
N ARG A 379 -9.91 -24.41 -2.40
CA ARG A 379 -10.19 -23.71 -1.17
C ARG A 379 -11.66 -23.76 -0.75
N ASN A 380 -12.54 -24.13 -1.68
CA ASN A 380 -13.99 -24.10 -1.46
C ASN A 380 -14.42 -22.77 -0.82
N SER A 381 -14.10 -21.67 -1.50
CA SER A 381 -14.33 -20.33 -0.96
C SER A 381 -15.60 -19.74 -1.60
N SER A 382 -16.25 -18.83 -0.89
CA SER A 382 -17.44 -18.16 -1.39
C SER A 382 -17.06 -16.94 -2.23
N ASN A 383 -15.77 -16.57 -2.18
CA ASN A 383 -15.28 -15.41 -2.93
C ASN A 383 -15.24 -15.66 -4.43
N LYS A 384 -15.22 -14.57 -5.17
CA LYS A 384 -15.05 -14.60 -6.61
C LYS A 384 -13.60 -14.27 -6.93
N MET A 385 -13.01 -15.01 -7.86
CA MET A 385 -11.68 -14.65 -8.31
C MET A 385 -11.68 -14.27 -9.78
N VAL A 386 -11.04 -13.16 -10.09
CA VAL A 386 -10.77 -12.79 -11.47
C VAL A 386 -9.25 -12.63 -11.73
N VAL A 387 -8.73 -13.46 -12.61
CA VAL A 387 -7.38 -13.31 -13.12
C VAL A 387 -7.43 -12.49 -14.41
N SER A 388 -6.58 -11.47 -14.53
CA SER A 388 -6.39 -10.84 -15.82
C SER A 388 -4.93 -10.54 -16.12
N MET A 389 -4.51 -10.95 -17.31
CA MET A 389 -3.19 -10.59 -17.81
C MET A 389 -3.34 -9.27 -18.56
N THR A 390 -2.76 -8.23 -17.99
CA THR A 390 -3.02 -6.88 -18.42
C THR A 390 -1.97 -6.47 -19.43
N LEU A 391 -0.85 -7.18 -19.43
CA LEU A 391 0.29 -6.83 -20.27
C LEU A 391 1.02 -8.11 -20.65
N GLY A 392 1.34 -8.26 -21.94
CA GLY A 392 1.95 -9.46 -22.48
C GLY A 392 2.83 -9.18 -23.68
N LEU A 393 4.14 -9.17 -23.46
CA LEU A 393 5.07 -8.80 -24.52
C LEU A 393 6.09 -9.89 -24.75
N HIS A 394 6.37 -10.17 -26.01
CA HIS A 394 7.39 -11.12 -26.38
C HIS A 394 8.79 -10.53 -26.18
N PRO A 395 9.80 -11.40 -25.99
CA PRO A 395 11.19 -10.92 -25.91
C PRO A 395 11.71 -10.40 -27.25
N TRP A 396 12.78 -9.63 -27.19
CA TRP A 396 13.35 -9.02 -28.36
C TRP A 396 14.83 -9.37 -28.39
N ILE A 397 15.32 -9.62 -29.61
CA ILE A 397 16.73 -9.88 -29.90
C ILE A 397 17.14 -9.11 -31.15
N ALA A 398 18.30 -8.45 -31.09
CA ALA A 398 18.88 -7.84 -32.27
C ALA A 398 19.89 -8.80 -32.89
N ASN A 399 20.21 -8.56 -34.16
CA ASN A 399 21.33 -9.23 -34.79
C ASN A 399 22.59 -8.48 -34.39
N ILE A 400 23.39 -9.09 -33.52
CA ILE A 400 24.74 -8.59 -33.20
C ILE A 400 25.57 -8.57 -34.51
N ASP A 401 26.55 -7.67 -34.58
CA ASP A 401 27.35 -7.52 -35.80
C ASP A 401 26.49 -6.96 -36.97
N ASP A 402 25.34 -6.38 -36.66
CA ASP A 402 24.65 -5.48 -37.59
C ASP A 402 25.48 -4.19 -37.67
N THR A 403 25.24 -3.38 -38.70
CA THR A 403 26.04 -2.16 -38.92
C THR A 403 25.88 -1.14 -37.77
N GLN A 404 24.65 -0.95 -37.29
CA GLN A 404 24.39 -0.16 -36.07
C GLN A 404 25.21 -0.66 -34.86
N TYR A 405 25.29 -1.99 -34.70
CA TYR A 405 26.01 -2.63 -33.58
C TYR A 405 27.53 -2.46 -33.63
N LEU A 406 28.11 -2.48 -34.83
CA LEU A 406 29.55 -2.27 -35.01
C LEU A 406 30.00 -0.82 -34.73
N ALA A 407 29.21 0.14 -35.21
CA ALA A 407 29.44 1.56 -34.95
C ALA A 407 29.53 1.85 -33.45
N ALA A 408 28.59 1.26 -32.69
CA ALA A 408 28.53 1.40 -31.24
C ALA A 408 29.78 0.83 -30.53
N LYS A 409 30.19 -0.38 -30.93
CA LYS A 409 31.41 -1.05 -30.44
C LYS A 409 32.66 -0.19 -30.60
N ARG A 410 32.88 0.29 -31.83
CA ARG A 410 33.92 1.25 -32.14
C ARG A 410 33.84 2.56 -31.33
N ALA A 411 32.66 3.15 -31.23
CA ALA A 411 32.50 4.38 -30.44
C ALA A 411 32.89 4.14 -28.97
N ILE A 412 32.51 2.97 -28.44
CA ILE A 412 32.82 2.60 -27.05
C ILE A 412 34.30 2.45 -26.83
N ARG A 413 34.96 1.73 -27.75
CA ARG A 413 36.41 1.55 -27.68
C ARG A 413 37.13 2.89 -27.66
N THR A 414 36.71 3.82 -28.53
CA THR A 414 37.31 5.16 -28.60
C THR A 414 37.23 5.93 -27.27
N VAL A 415 36.05 5.94 -26.66
CA VAL A 415 35.80 6.78 -25.47
C VAL A 415 36.29 6.16 -24.16
N PHE A 416 36.12 4.85 -24.03
CA PHE A 416 36.41 4.18 -22.77
C PHE A 416 37.70 3.37 -22.84
N GLY A 417 38.26 3.26 -24.04
CA GLY A 417 39.52 2.58 -24.24
C GLY A 417 39.44 1.09 -24.05
N THR A 418 38.23 0.55 -24.09
CA THR A 418 38.06 -0.89 -23.92
C THR A 418 36.92 -1.47 -24.75
N GLU A 419 36.95 -2.78 -24.95
CA GLU A 419 35.88 -3.46 -25.67
C GLU A 419 34.64 -3.60 -24.79
N PRO A 420 33.47 -3.20 -25.34
CA PRO A 420 32.18 -3.47 -24.72
C PRO A 420 31.85 -4.97 -24.72
N ASP A 421 31.32 -5.45 -23.61
CA ASP A 421 30.64 -6.75 -23.62
C ASP A 421 29.28 -6.59 -24.27
N MET A 422 28.92 -7.60 -25.08
CA MET A 422 27.61 -7.70 -25.67
C MET A 422 26.73 -8.40 -24.64
N ILE A 423 25.79 -7.66 -24.07
CA ILE A 423 24.98 -8.19 -22.97
C ILE A 423 23.52 -8.30 -23.37
N ARG A 424 22.78 -9.13 -22.65
CA ARG A 424 21.34 -9.10 -22.71
C ARG A 424 20.84 -8.28 -21.51
N ASP A 425 19.53 -8.20 -21.34
CA ASP A 425 18.89 -7.41 -20.29
C ASP A 425 17.71 -8.20 -19.76
N GLY A 426 17.51 -8.16 -18.45
CA GLY A 426 16.38 -8.82 -17.82
C GLY A 426 15.08 -8.07 -17.97
N SER A 427 15.19 -6.76 -18.22
CA SER A 427 14.03 -5.92 -18.36
C SER A 427 13.52 -6.01 -19.77
N THR A 428 12.44 -5.26 -20.04
CA THR A 428 11.71 -5.33 -21.29
C THR A 428 11.77 -3.92 -21.87
N ILE A 429 12.07 -3.83 -23.15
CA ILE A 429 12.06 -2.52 -23.80
C ILE A 429 11.05 -2.60 -24.94
N PRO A 430 9.77 -2.41 -24.60
CA PRO A 430 8.66 -2.65 -25.52
C PRO A 430 8.86 -1.88 -26.79
N ILE A 431 9.44 -0.68 -26.66
CA ILE A 431 9.68 0.22 -27.80
C ILE A 431 10.61 -0.40 -28.82
N ALA A 432 11.57 -1.18 -28.35
CA ALA A 432 12.50 -1.89 -29.23
C ALA A 432 11.75 -2.85 -30.15
N LYS A 433 10.85 -3.64 -29.57
CA LYS A 433 9.96 -4.56 -30.27
C LYS A 433 9.06 -3.82 -31.27
N MET A 434 8.42 -2.75 -30.81
CA MET A 434 7.56 -1.91 -31.67
C MET A 434 8.24 -1.36 -32.93
N PHE A 435 9.43 -0.78 -32.79
CA PHE A 435 10.19 -0.34 -33.99
C PHE A 435 10.53 -1.51 -34.91
N GLN A 436 10.75 -2.70 -34.34
CA GLN A 436 11.03 -3.90 -35.14
C GLN A 436 9.81 -4.42 -35.91
N GLU A 437 8.63 -4.37 -35.28
CA GLU A 437 7.38 -4.85 -35.88
C GLU A 437 6.81 -3.90 -36.95
N ILE A 438 6.80 -2.60 -36.65
CA ILE A 438 6.22 -1.60 -37.56
C ILE A 438 7.19 -1.05 -38.61
N VAL A 439 8.37 -0.59 -38.19
CA VAL A 439 9.35 0.00 -39.11
C VAL A 439 10.37 -1.03 -39.65
N HIS A 440 10.40 -2.22 -39.04
CA HIS A 440 11.32 -3.31 -39.39
C HIS A 440 12.78 -2.93 -39.23
N VAL A 443 17.35 -1.56 -34.42
CA VAL A 443 17.47 -0.82 -33.14
C VAL A 443 18.75 -1.23 -32.41
N VAL A 444 19.55 -0.24 -32.00
CA VAL A 444 20.73 -0.48 -31.18
C VAL A 444 20.55 0.09 -29.76
N LEU A 445 20.74 -0.76 -28.76
CA LEU A 445 20.63 -0.29 -27.38
C LEU A 445 21.99 0.08 -26.80
N ILE A 446 22.19 1.37 -26.56
CA ILE A 446 23.43 1.88 -25.96
C ILE A 446 23.17 2.34 -24.52
N PRO A 447 23.46 1.47 -23.54
CA PRO A 447 23.24 1.81 -22.15
C PRO A 447 24.21 2.89 -21.68
N LEU A 448 23.71 3.92 -20.98
CA LEU A 448 24.57 4.91 -20.31
C LEU A 448 24.59 4.73 -18.79
N GLY A 449 23.58 4.05 -18.26
CA GLY A 449 23.45 3.87 -16.83
C GLY A 449 24.37 2.85 -16.19
N ALA A 450 24.71 3.07 -14.94
CA ALA A 450 25.41 2.05 -14.17
C ALA A 450 24.42 1.08 -13.58
N VAL A 451 24.92 -0.09 -13.24
CA VAL A 451 24.13 -1.21 -12.69
C VAL A 451 23.35 -0.79 -11.45
N ASP A 452 23.91 0.16 -10.69
CA ASP A 452 23.30 0.56 -9.42
C ASP A 452 22.55 1.92 -9.45
N ASP A 453 22.11 2.33 -10.65
CA ASP A 453 21.44 3.62 -10.83
C ASP A 453 20.09 3.71 -10.15
N GLY A 454 19.43 2.56 -9.92
CA GLY A 454 18.17 2.51 -9.17
C GLY A 454 16.98 3.11 -9.89
N GLU A 455 16.87 2.88 -11.19
CA GLU A 455 15.67 3.31 -11.92
C GLU A 455 14.36 2.69 -11.34
N HIS A 456 13.30 3.50 -11.31
CA HIS A 456 11.97 3.11 -10.76
C HIS A 456 12.02 2.85 -9.24
N SER A 457 13.01 3.41 -8.56
CA SER A 457 13.20 3.21 -7.13
C SER A 457 13.47 4.54 -6.46
N GLN A 458 13.55 4.50 -5.13
CA GLN A 458 13.99 5.62 -4.31
C GLN A 458 15.47 5.81 -4.57
N ASN A 459 15.91 7.06 -4.56
CA ASN A 459 17.32 7.42 -4.69
C ASN A 459 17.95 6.99 -6.01
N GLU A 460 17.17 7.13 -7.09
CA GLU A 460 17.67 7.08 -8.47
C GLU A 460 18.77 8.12 -8.70
N LYS A 461 19.79 7.76 -9.47
CA LYS A 461 20.87 8.67 -9.84
C LYS A 461 21.36 8.29 -11.24
N ILE A 462 22.11 9.20 -11.85
CA ILE A 462 23.06 8.84 -12.87
C ILE A 462 24.41 9.36 -12.37
N ASN A 463 25.48 8.59 -12.59
CA ASN A 463 26.84 9.09 -12.32
C ASN A 463 27.23 10.23 -13.28
N ARG A 464 27.84 11.30 -12.74
CA ARG A 464 28.36 12.38 -13.58
C ARG A 464 29.28 11.84 -14.69
N TRP A 465 30.12 10.87 -14.34
CA TRP A 465 31.05 10.29 -15.30
C TRP A 465 30.32 9.61 -16.46
N ASN A 466 29.29 8.82 -16.14
CA ASN A 466 28.45 8.19 -17.16
C ASN A 466 27.72 9.17 -18.05
N TYR A 467 27.20 10.24 -17.44
CA TYR A 467 26.47 11.28 -18.16
C TYR A 467 27.37 12.08 -19.12
N ILE A 468 28.56 12.43 -18.64
CA ILE A 468 29.53 13.23 -19.40
C ILE A 468 30.32 12.42 -20.41
N GLU A 469 30.87 11.28 -19.98
CA GLU A 469 31.56 10.36 -20.88
C GLU A 469 30.61 9.76 -21.91
N GLY A 470 29.33 9.62 -21.55
CA GLY A 470 28.30 9.13 -22.45
C GLY A 470 27.94 10.12 -23.53
N THR A 471 28.01 11.41 -23.23
CA THR A 471 27.92 12.47 -24.21
C THR A 471 29.01 12.33 -25.29
N LYS A 472 30.24 12.04 -24.87
CA LYS A 472 31.35 11.75 -25.79
C LYS A 472 31.16 10.51 -26.63
N LEU A 473 30.58 9.47 -26.01
CA LEU A 473 30.25 8.23 -26.68
C LEU A 473 29.31 8.51 -27.85
N PHE A 474 28.27 9.28 -27.58
CA PHE A 474 27.34 9.64 -28.64
C PHE A 474 28.02 10.46 -29.75
N ALA A 475 28.89 11.40 -29.37
CA ALA A 475 29.69 12.18 -30.35
C ALA A 475 30.53 11.27 -31.30
N ALA A 476 31.31 10.36 -30.72
CA ALA A 476 32.07 9.37 -31.49
C ALA A 476 31.18 8.53 -32.43
N PHE A 477 29.99 8.19 -31.93
CA PHE A 477 29.05 7.31 -32.60
C PHE A 477 28.49 7.95 -33.87
N PHE A 478 28.15 9.24 -33.80
CA PHE A 478 27.72 10.00 -34.99
C PHE A 478 28.70 9.74 -36.13
N LEU A 479 29.99 9.82 -35.79
CA LEU A 479 31.07 9.70 -36.75
C LEU A 479 31.16 8.27 -37.29
N GLU A 480 30.96 7.29 -36.43
CA GLU A 480 31.01 5.89 -36.83
C GLU A 480 29.87 5.47 -37.78
N MET A 481 28.67 5.96 -37.50
CA MET A 481 27.53 5.75 -38.39
C MET A 481 27.74 6.32 -39.81
N ALA A 482 28.45 7.44 -39.91
CA ALA A 482 28.74 8.05 -41.20
C ALA A 482 29.71 7.18 -42.00
N GLN A 483 30.49 6.37 -41.29
CA GLN A 483 31.55 5.55 -41.89
C GLN A 483 31.08 4.22 -42.50
N LEU A 484 29.83 3.83 -42.22
CA LEU A 484 29.05 2.95 -43.13
C LEU A 484 27.54 3.26 -43.01
N LEU B 12 -41.17 13.60 33.76
CA LEU B 12 -39.78 14.01 34.11
C LEU B 12 -38.78 13.51 33.06
N LEU B 13 -39.00 12.28 32.60
CA LEU B 13 -38.19 11.65 31.54
C LEU B 13 -38.75 11.99 30.15
N GLU B 14 -40.07 12.01 30.04
CA GLU B 14 -40.75 12.36 28.80
C GLU B 14 -40.46 13.79 28.34
N LYS B 15 -40.31 14.70 29.30
CA LYS B 15 -39.96 16.09 28.97
C LYS B 15 -38.56 16.13 28.38
N VAL B 16 -37.61 15.43 29.01
CA VAL B 16 -36.26 15.32 28.48
C VAL B 16 -36.17 14.55 27.14
N PHE B 17 -37.10 13.60 26.90
CA PHE B 17 -37.22 12.90 25.60
C PHE B 17 -37.71 13.82 24.48
N GLN B 18 -38.55 14.79 24.83
CA GLN B 18 -39.14 15.74 23.86
C GLN B 18 -38.13 16.78 23.37
N TYR B 19 -37.27 17.23 24.28
CA TYR B 19 -36.13 18.09 23.94
C TYR B 19 -35.19 17.41 22.93
N ILE B 20 -34.89 16.13 23.17
CA ILE B 20 -34.01 15.36 22.27
C ILE B 20 -34.55 15.33 20.85
N ASP B 21 -35.81 14.90 20.73
CA ASP B 21 -36.55 14.91 19.45
C ASP B 21 -36.47 16.27 18.76
N LEU B 22 -36.75 17.34 19.52
CA LEU B 22 -36.71 18.71 19.02
C LEU B 22 -35.29 19.20 18.65
N HIS B 23 -34.28 18.81 19.42
CA HIS B 23 -32.91 19.29 19.16
C HIS B 23 -32.00 18.32 18.40
N GLN B 24 -32.61 17.39 17.65
CA GLN B 24 -31.83 16.36 16.96
C GLN B 24 -30.92 16.85 15.83
N ASP B 25 -31.38 17.84 15.06
CA ASP B 25 -30.59 18.37 13.94
C ASP B 25 -29.31 19.09 14.37
N GLU B 26 -29.35 19.67 15.57
CA GLU B 26 -28.18 20.24 16.18
C GLU B 26 -27.29 19.18 16.85
N PHE B 27 -27.89 18.08 17.32
CA PHE B 27 -27.11 16.96 17.81
C PHE B 27 -26.33 16.36 16.65
N VAL B 28 -26.98 16.30 15.49
CA VAL B 28 -26.37 15.82 14.25
C VAL B 28 -25.30 16.77 13.74
N GLN B 29 -25.53 18.07 13.95
CA GLN B 29 -24.58 19.09 13.50
C GLN B 29 -23.29 19.01 14.32
N THR B 30 -23.41 18.84 15.64
CA THR B 30 -22.25 18.60 16.51
C THR B 30 -21.46 17.36 16.13
N LEU B 31 -22.15 16.27 15.80
CA LEU B 31 -21.49 15.08 15.28
C LEU B 31 -20.73 15.34 13.97
N LYS B 32 -21.34 16.11 13.07
CA LYS B 32 -20.72 16.46 11.81
C LYS B 32 -19.38 17.17 12.04
N GLU B 33 -19.35 18.02 13.07
CA GLU B 33 -18.18 18.84 13.43
C GLU B 33 -17.10 18.03 14.09
N TRP B 34 -17.48 17.10 14.96
CA TRP B 34 -16.53 16.15 15.56
C TRP B 34 -15.95 15.19 14.54
N VAL B 35 -16.77 14.75 13.59
CA VAL B 35 -16.32 13.86 12.49
C VAL B 35 -15.29 14.53 11.58
N ALA B 36 -15.40 15.85 11.40
CA ALA B 36 -14.48 16.65 10.57
C ALA B 36 -13.06 16.71 11.10
N ILE B 37 -12.90 16.51 12.41
CA ILE B 37 -11.59 16.35 13.06
C ILE B 37 -11.04 14.93 12.79
N GLU B 38 -9.92 14.85 12.08
CA GLU B 38 -9.40 13.59 11.54
C GLU B 38 -8.46 13.02 12.57
N SER B 39 -9.07 12.54 13.65
CA SER B 39 -8.34 12.07 14.82
C SER B 39 -7.93 10.61 14.72
N ASP B 40 -7.16 10.32 13.68
CA ASP B 40 -6.66 9.01 13.37
C ASP B 40 -5.47 8.76 14.33
N SER B 41 -5.61 7.79 15.23
CA SER B 41 -4.54 7.44 16.18
C SER B 41 -3.67 6.31 15.69
N VAL B 42 -4.13 5.62 14.64
CA VAL B 42 -3.49 4.40 14.11
C VAL B 42 -2.28 4.71 13.22
N GLN B 43 -2.35 5.81 12.48
CA GLN B 43 -1.24 6.23 11.64
C GLN B 43 -0.34 7.14 12.49
N PRO B 44 0.90 6.70 12.72
CA PRO B 44 1.84 7.39 13.61
C PRO B 44 2.52 8.60 12.90
N VAL B 45 1.73 9.62 12.58
CA VAL B 45 2.21 10.74 11.76
C VAL B 45 1.68 12.04 12.37
N PRO B 46 2.51 13.11 12.37
CA PRO B 46 2.14 14.39 12.99
C PRO B 46 0.82 15.04 12.58
N ARG B 47 0.44 15.01 11.30
CA ARG B 47 -0.83 15.67 10.90
C ARG B 47 -2.12 15.09 11.56
N PHE B 48 -2.14 13.77 11.76
CA PHE B 48 -3.27 13.08 12.40
C PHE B 48 -3.22 13.17 13.92
N ARG B 49 -2.00 13.03 14.46
CA ARG B 49 -1.76 13.12 15.90
C ARG B 49 -2.10 14.51 16.43
N GLN B 50 -1.84 15.52 15.62
CA GLN B 50 -2.26 16.85 15.97
C GLN B 50 -3.79 17.09 15.97
N GLU B 51 -4.50 16.50 15.00
CA GLU B 51 -5.97 16.56 14.93
C GLU B 51 -6.55 15.86 16.15
N LEU B 52 -5.84 14.86 16.59
CA LEU B 52 -6.17 14.16 17.79
C LEU B 52 -6.02 15.02 19.07
N PHE B 53 -4.98 15.86 19.16
CA PHE B 53 -4.93 16.89 20.23
C PHE B 53 -6.09 17.91 20.12
N ARG B 54 -6.36 18.38 18.90
CA ARG B 54 -7.51 19.24 18.62
C ARG B 54 -8.82 18.60 19.11
N MET B 55 -9.02 17.32 18.78
CA MET B 55 -10.22 16.61 19.17
C MET B 55 -10.46 16.57 20.68
N MET B 56 -9.42 16.31 21.45
CA MET B 56 -9.53 16.14 22.88
C MET B 56 -9.82 17.49 23.52
N ALA B 57 -9.32 18.57 22.89
CA ALA B 57 -9.47 19.93 23.42
C ALA B 57 -10.89 20.44 23.17
N VAL B 58 -11.42 20.15 21.99
CA VAL B 58 -12.84 20.36 21.67
C VAL B 58 -13.77 19.67 22.68
N ALA B 59 -13.45 18.41 23.02
CA ALA B 59 -14.27 17.61 23.97
C ALA B 59 -14.17 18.13 25.41
N ALA B 60 -12.96 18.52 25.80
CA ALA B 60 -12.69 19.12 27.10
C ALA B 60 -13.52 20.38 27.29
N ASP B 61 -13.55 21.21 26.25
CA ASP B 61 -14.31 22.45 26.27
C ASP B 61 -15.84 22.21 26.31
N THR B 62 -16.31 21.19 25.61
CA THR B 62 -17.72 20.83 25.60
C THR B 62 -18.19 20.41 26.99
N LEU B 63 -17.39 19.55 27.65
CA LEU B 63 -17.68 19.14 29.01
C LEU B 63 -17.67 20.31 30.03
N GLN B 64 -16.73 21.24 29.85
CA GLN B 64 -16.63 22.44 30.70
C GLN B 64 -17.87 23.31 30.61
N ARG B 65 -18.39 23.45 29.39
CA ARG B 65 -19.59 24.26 29.10
C ARG B 65 -20.87 23.64 29.65
N LEU B 66 -20.83 22.34 29.93
CA LEU B 66 -21.91 21.63 30.62
C LEU B 66 -21.88 21.81 32.14
N GLY B 67 -20.83 22.43 32.66
CA GLY B 67 -20.64 22.58 34.10
C GLY B 67 -19.72 21.55 34.75
N ALA B 68 -19.15 20.66 33.96
CA ALA B 68 -18.28 19.61 34.49
C ALA B 68 -16.92 20.16 34.91
N ARG B 69 -16.36 19.56 35.97
CA ARG B 69 -14.97 19.77 36.35
C ARG B 69 -14.08 18.90 35.44
N VAL B 70 -13.19 19.55 34.68
CA VAL B 70 -12.43 18.88 33.61
C VAL B 70 -10.89 18.94 33.73
N ALA B 71 -10.28 17.76 33.79
CA ALA B 71 -8.83 17.62 33.80
C ALA B 71 -8.32 16.95 32.51
N SER B 72 -7.26 17.51 31.95
CA SER B 72 -6.66 16.93 30.76
C SER B 72 -5.29 16.39 31.07
N VAL B 73 -5.26 15.09 31.43
CA VAL B 73 -4.05 14.39 31.88
C VAL B 73 -3.01 14.18 30.77
N ASP B 74 -1.78 14.63 31.01
CA ASP B 74 -0.66 14.46 30.07
C ASP B 74 -0.16 13.03 30.07
N MET B 75 -0.14 12.43 28.88
CA MET B 75 0.08 10.99 28.76
C MET B 75 1.52 10.65 28.38
N GLY B 76 2.27 11.67 27.95
CA GLY B 76 3.68 11.50 27.59
C GLY B 76 3.86 10.89 26.23
N PRO B 77 5.09 10.42 25.91
CA PRO B 77 5.33 9.90 24.56
C PRO B 77 4.90 8.44 24.31
N GLN B 78 4.61 8.15 23.06
CA GLN B 78 4.36 6.80 22.57
C GLN B 78 5.66 6.40 21.86
N GLN B 79 6.20 5.25 22.21
CA GLN B 79 7.44 4.78 21.57
C GLN B 79 7.05 4.03 20.30
N LEU B 80 7.64 4.41 19.18
CA LEU B 80 7.23 3.86 17.88
C LEU B 80 8.19 2.78 17.30
N GLN B 84 11.40 5.71 17.03
CA GLN B 84 10.89 7.09 17.10
C GLN B 84 9.80 7.25 18.17
N SER B 85 9.34 8.49 18.35
CA SER B 85 8.26 8.74 19.29
C SER B 85 7.25 9.77 18.78
N LEU B 86 5.98 9.60 19.18
CA LEU B 86 4.96 10.66 19.05
C LEU B 86 4.34 10.95 20.42
N PRO B 87 3.85 12.19 20.65
CA PRO B 87 3.05 12.48 21.85
C PRO B 87 1.69 11.78 21.82
N ILE B 88 1.29 11.22 22.96
CA ILE B 88 -0.01 10.63 23.18
C ILE B 88 -0.98 11.77 23.54
N PRO B 89 -2.15 11.84 22.86
CA PRO B 89 -3.14 12.89 23.20
C PRO B 89 -3.64 12.72 24.65
N PRO B 90 -4.11 13.81 25.29
CA PRO B 90 -4.51 13.71 26.69
C PRO B 90 -5.76 12.88 26.88
N VAL B 91 -5.91 12.34 28.09
CA VAL B 91 -7.14 11.65 28.49
C VAL B 91 -7.93 12.65 29.33
N ILE B 92 -9.23 12.72 29.08
CA ILE B 92 -10.09 13.61 29.83
C ILE B 92 -10.63 12.85 31.02
N LEU B 93 -10.38 13.42 32.19
CA LEU B 93 -11.10 13.04 33.41
C LEU B 93 -12.02 14.19 33.76
N ALA B 94 -13.33 13.92 33.75
CA ALA B 94 -14.30 14.97 34.05
C ALA B 94 -15.28 14.48 35.09
N GLU B 95 -15.96 15.41 35.76
CA GLU B 95 -17.09 15.06 36.64
C GLU B 95 -18.18 16.12 36.75
N LEU B 96 -19.41 15.69 36.56
CA LEU B 96 -20.56 16.55 36.71
C LEU B 96 -21.41 16.06 37.92
N GLY B 97 -21.24 16.74 39.07
CA GLY B 97 -21.89 16.35 40.32
C GLY B 97 -20.95 15.68 41.32
N SER B 98 -21.16 15.97 42.60
CA SER B 98 -20.29 15.47 43.67
C SER B 98 -21.08 15.27 44.98
N ASP B 99 -22.35 14.94 44.83
CA ASP B 99 -23.26 14.70 45.93
C ASP B 99 -23.03 13.31 46.49
N PRO B 100 -22.50 13.21 47.73
CA PRO B 100 -22.22 11.88 48.29
C PRO B 100 -23.49 11.03 48.48
N THR B 101 -24.66 11.65 48.47
CA THR B 101 -25.94 10.92 48.58
C THR B 101 -26.33 10.20 47.29
N LYS B 102 -25.79 10.64 46.15
CA LYS B 102 -26.11 10.03 44.86
C LYS B 102 -25.16 8.90 44.45
N GLY B 103 -25.66 7.99 43.63
CA GLY B 103 -24.77 7.06 42.95
C GLY B 103 -23.88 7.78 41.94
N THR B 104 -22.68 7.25 41.71
CA THR B 104 -21.74 7.84 40.76
C THR B 104 -21.40 6.84 39.64
N VAL B 105 -21.74 7.18 38.41
CA VAL B 105 -21.32 6.44 37.20
C VAL B 105 -20.08 7.06 36.52
N CYS B 106 -19.27 6.23 35.87
CA CYS B 106 -18.21 6.72 34.98
C CYS B 106 -18.54 6.24 33.59
N PHE B 107 -18.49 7.14 32.61
CA PHE B 107 -18.68 6.77 31.20
C PHE B 107 -17.37 6.79 30.47
N TYR B 108 -17.11 5.72 29.70
CA TYR B 108 -15.92 5.64 28.85
C TYR B 108 -16.26 5.71 27.38
N GLY B 109 -15.52 6.57 26.67
CA GLY B 109 -15.47 6.54 25.22
C GLY B 109 -14.15 7.00 24.67
N HIS B 110 -13.95 6.81 23.35
CA HIS B 110 -12.74 7.25 22.69
C HIS B 110 -13.06 8.18 21.53
N LEU B 111 -12.16 9.13 21.30
CA LEU B 111 -12.35 10.09 20.23
C LEU B 111 -11.36 9.96 19.08
N ASP B 112 -10.50 8.95 19.16
CA ASP B 112 -9.71 8.53 18.03
C ASP B 112 -10.47 7.59 17.09
N VAL B 113 -10.00 7.57 15.85
CA VAL B 113 -10.63 6.80 14.79
C VAL B 113 -9.56 5.97 14.03
N GLN B 114 -10.04 4.94 13.33
CA GLN B 114 -9.22 4.14 12.44
C GLN B 114 -9.07 4.83 11.08
N PRO B 115 -8.01 4.48 10.31
CA PRO B 115 -7.82 5.23 9.07
C PRO B 115 -9.00 5.16 8.09
N ALA B 116 -9.19 6.28 7.39
CA ALA B 116 -10.16 6.37 6.30
C ALA B 116 -9.54 7.21 5.21
N ASP B 117 -9.46 6.63 4.04
CA ASP B 117 -9.03 7.38 2.86
C ASP B 117 -10.10 7.14 1.78
N ARG B 118 -10.46 8.21 1.07
CA ARG B 118 -11.55 8.13 0.09
C ARG B 118 -11.31 7.14 -1.06
N GLY B 119 -10.06 7.04 -1.50
CA GLY B 119 -9.70 6.08 -2.54
C GLY B 119 -9.83 4.63 -2.08
N ASP B 120 -10.16 4.41 -0.79
CA ASP B 120 -10.44 3.05 -0.25
C ASP B 120 -11.75 2.52 -0.80
N GLY B 121 -12.62 3.42 -1.26
CA GLY B 121 -13.94 3.06 -1.80
C GLY B 121 -15.08 3.81 -1.13
N TRP B 122 -14.76 4.96 -0.53
CA TRP B 122 -15.79 5.82 0.05
C TRP B 122 -16.57 6.52 -1.07
N LEU B 123 -17.88 6.62 -0.89
CA LEU B 123 -18.74 7.31 -1.84
C LEU B 123 -18.86 8.78 -1.43
N THR B 124 -18.44 9.09 -0.20
CA THR B 124 -18.38 10.44 0.36
C THR B 124 -16.99 10.68 0.96
N ASP B 125 -16.58 11.94 1.05
CA ASP B 125 -15.41 12.33 1.83
C ASP B 125 -15.61 11.76 3.25
N PRO B 126 -14.73 10.82 3.68
CA PRO B 126 -14.87 10.12 4.98
C PRO B 126 -14.95 11.03 6.21
N TYR B 127 -14.50 12.27 6.06
CA TYR B 127 -14.49 13.22 7.16
C TYR B 127 -15.54 14.31 7.01
N VAL B 128 -16.45 14.12 6.05
CA VAL B 128 -17.66 14.96 5.90
C VAL B 128 -18.90 14.13 6.19
N LEU B 129 -19.51 14.34 7.35
CA LEU B 129 -20.72 13.60 7.74
C LEU B 129 -21.83 13.89 6.73
N THR B 130 -22.24 12.86 6.01
CA THR B 130 -23.20 12.99 4.91
C THR B 130 -24.42 12.10 5.20
N GLU B 131 -25.59 12.73 5.35
CA GLU B 131 -26.80 11.99 5.64
C GLU B 131 -27.44 11.50 4.35
N VAL B 132 -27.55 10.17 4.24
CA VAL B 132 -28.26 9.50 3.15
C VAL B 132 -29.25 8.50 3.74
N ASP B 133 -30.53 8.67 3.42
CA ASP B 133 -31.60 7.77 3.87
C ASP B 133 -31.64 7.57 5.38
N GLY B 134 -31.48 8.66 6.12
CA GLY B 134 -31.47 8.59 7.58
C GLY B 134 -30.30 7.81 8.16
N LYS B 135 -29.25 7.66 7.35
CA LYS B 135 -27.98 7.07 7.76
C LYS B 135 -26.91 8.16 7.65
N LEU B 136 -26.13 8.35 8.73
CA LEU B 136 -25.16 9.44 8.79
C LEU B 136 -23.77 8.91 8.49
N TYR B 137 -23.25 9.16 7.28
CA TYR B 137 -21.99 8.56 6.83
C TYR B 137 -20.73 9.36 7.16
N GLY B 138 -19.77 8.72 7.85
CA GLY B 138 -18.50 9.35 8.23
C GLY B 138 -17.68 8.45 9.13
N ARG B 139 -16.35 8.58 9.02
CA ARG B 139 -15.41 7.92 9.92
C ARG B 139 -15.60 8.47 11.34
N GLY B 140 -15.84 7.55 12.28
CA GLY B 140 -16.13 7.93 13.66
C GLY B 140 -17.60 8.07 13.98
N ALA B 141 -18.44 8.05 12.95
CA ALA B 141 -19.89 8.19 13.13
C ALA B 141 -20.41 7.24 14.22
N THR B 142 -20.06 5.96 14.11
CA THR B 142 -20.51 4.98 15.08
C THR B 142 -19.39 4.64 16.08
N ASP B 143 -18.14 4.70 15.59
CA ASP B 143 -16.96 4.26 16.33
C ASP B 143 -15.93 5.41 16.44
N ASN B 144 -16.07 6.27 17.46
CA ASN B 144 -17.01 6.13 18.56
C ASN B 144 -17.63 7.51 18.89
N LYS B 145 -17.59 8.42 17.93
CA LYS B 145 -18.03 9.80 18.17
C LYS B 145 -19.53 9.88 18.35
N GLY B 146 -20.27 9.18 17.51
CA GLY B 146 -21.72 9.05 17.65
C GLY B 146 -22.19 8.72 19.05
N PRO B 147 -21.83 7.52 19.58
CA PRO B 147 -22.26 7.17 20.94
C PRO B 147 -21.73 8.07 22.07
N VAL B 148 -20.51 8.62 21.95
CA VAL B 148 -19.99 9.57 22.95
C VAL B 148 -20.85 10.85 22.98
N LEU B 149 -21.27 11.33 21.80
CA LEU B 149 -22.14 12.48 21.71
C LEU B 149 -23.58 12.18 22.16
N ALA B 150 -24.10 10.99 21.85
CA ALA B 150 -25.36 10.54 22.46
C ALA B 150 -25.35 10.69 23.99
N TRP B 151 -24.31 10.22 24.66
CA TRP B 151 -24.20 10.35 26.13
C TRP B 151 -24.13 11.82 26.55
N ILE B 152 -23.25 12.56 25.87
CA ILE B 152 -23.06 14.00 26.13
C ILE B 152 -24.34 14.81 25.89
N ASN B 153 -25.00 14.55 24.76
CA ASN B 153 -26.23 15.25 24.38
C ASN B 153 -27.40 14.98 25.33
N ALA B 154 -27.40 13.80 25.93
CA ALA B 154 -28.38 13.42 26.93
C ALA B 154 -28.12 14.26 28.17
N VAL B 155 -26.86 14.34 28.57
CA VAL B 155 -26.50 15.20 29.71
C VAL B 155 -26.93 16.66 29.50
N SER B 156 -26.81 17.17 28.27
CA SER B 156 -27.07 18.59 27.98
C SER B 156 -28.56 18.92 27.95
N ALA B 157 -29.37 17.98 27.48
CA ALA B 157 -30.82 18.06 27.54
C ALA B 157 -31.31 18.36 28.97
N PHE B 158 -30.77 17.64 29.95
CA PHE B 158 -31.10 17.86 31.36
C PHE B 158 -30.65 19.24 31.84
N ARG B 159 -29.51 19.65 31.34
CA ARG B 159 -28.87 20.88 31.74
C ARG B 159 -29.63 22.07 31.11
N ALA B 160 -29.98 21.92 29.83
CA ALA B 160 -30.75 22.92 29.11
C ALA B 160 -32.17 23.10 29.67
N LEU B 161 -32.74 22.02 30.24
CA LEU B 161 -34.08 22.09 30.87
C LEU B 161 -34.02 22.40 32.38
N GLU B 162 -32.82 22.67 32.87
CA GLU B 162 -32.57 22.89 34.30
C GLU B 162 -33.17 21.78 35.15
N GLN B 163 -33.07 20.54 34.65
CA GLN B 163 -33.39 19.33 35.43
C GLN B 163 -32.14 18.85 36.12
N ASP B 164 -32.26 18.64 37.43
CA ASP B 164 -31.17 18.09 38.25
C ASP B 164 -30.80 16.70 37.72
N LEU B 165 -29.50 16.40 37.65
CA LEU B 165 -29.07 15.05 37.26
C LEU B 165 -29.27 14.01 38.38
N PRO B 166 -29.96 12.90 38.05
CA PRO B 166 -30.17 11.75 38.93
C PRO B 166 -28.89 11.16 39.55
N VAL B 167 -27.81 11.15 38.79
CA VAL B 167 -26.54 10.59 39.24
C VAL B 167 -25.39 11.58 39.11
N ASN B 168 -24.36 11.41 39.93
CA ASN B 168 -23.07 12.02 39.67
C ASN B 168 -22.48 11.33 38.45
N ILE B 169 -22.14 12.10 37.42
CA ILE B 169 -21.57 11.50 36.20
C ILE B 169 -20.11 11.84 36.06
N LYS B 170 -19.29 10.79 35.94
CA LYS B 170 -17.88 10.97 35.62
C LYS B 170 -17.60 10.51 34.18
N PHE B 171 -16.57 11.08 33.57
CA PHE B 171 -16.22 10.81 32.19
C PHE B 171 -14.75 10.41 32.11
N ILE B 172 -14.47 9.34 31.38
CA ILE B 172 -13.09 9.03 31.01
C ILE B 172 -13.05 8.90 29.48
N ILE B 173 -12.53 9.92 28.81
CA ILE B 173 -12.51 9.95 27.35
C ILE B 173 -11.07 9.96 26.89
N GLU B 174 -10.73 9.03 25.99
CA GLU B 174 -9.37 8.89 25.52
C GLU B 174 -9.22 9.07 24.01
N GLY B 175 -7.96 9.14 23.57
CA GLY B 175 -7.60 9.32 22.16
C GLY B 175 -6.67 8.24 21.60
N MET B 176 -6.52 7.11 22.30
CA MET B 176 -5.65 6.05 21.82
C MET B 176 -6.30 4.66 21.76
N GLU B 177 -7.63 4.60 21.79
CA GLU B 177 -8.32 3.28 21.88
C GLU B 177 -7.98 2.39 20.71
N GLU B 178 -7.96 3.00 19.51
CA GLU B 178 -7.81 2.26 18.26
C GLU B 178 -6.39 1.81 18.06
N ALA B 179 -5.51 2.32 18.93
CA ALA B 179 -4.10 1.97 18.93
C ALA B 179 -3.73 1.23 20.22
N GLY B 180 -4.71 0.58 20.86
CA GLY B 180 -4.48 -0.24 22.04
C GLY B 180 -4.49 0.44 23.40
N SER B 181 -5.06 1.65 23.48
CA SER B 181 -5.18 2.40 24.74
C SER B 181 -3.80 2.62 25.39
N VAL B 182 -2.82 2.96 24.56
CA VAL B 182 -1.46 3.26 25.00
C VAL B 182 -1.46 4.26 26.15
N ALA B 183 -0.77 3.86 27.22
CA ALA B 183 -0.60 4.62 28.47
C ALA B 183 -1.84 4.67 29.37
N LEU B 184 -2.93 4.03 28.96
CA LEU B 184 -4.18 4.07 29.74
C LEU B 184 -4.16 3.23 31.02
N GLU B 185 -3.45 2.10 31.01
CA GLU B 185 -3.48 1.17 32.14
C GLU B 185 -2.79 1.76 33.37
N GLU B 186 -1.71 2.49 33.12
CA GLU B 186 -0.93 3.13 34.17
C GLU B 186 -1.75 4.24 34.85
N LEU B 187 -2.61 4.91 34.07
CA LEU B 187 -3.53 5.93 34.58
C LEU B 187 -4.63 5.30 35.41
N VAL B 188 -5.20 4.20 34.93
CA VAL B 188 -6.27 3.50 35.63
C VAL B 188 -5.78 2.99 36.99
N GLU B 189 -4.56 2.46 37.00
CA GLU B 189 -3.90 2.01 38.23
C GLU B 189 -3.70 3.18 39.21
N LYS B 190 -3.18 4.29 38.68
CA LYS B 190 -2.90 5.50 39.44
C LYS B 190 -4.18 6.14 40.04
N GLU B 191 -5.32 5.87 39.41
CA GLU B 191 -6.58 6.50 39.80
C GLU B 191 -7.61 5.51 40.36
N LYS B 192 -7.18 4.27 40.56
CA LYS B 192 -8.05 3.23 41.13
C LYS B 192 -8.67 3.71 42.45
N ASP B 193 -7.86 4.41 43.25
CA ASP B 193 -8.24 4.88 44.59
C ASP B 193 -8.43 6.41 44.67
N ARG B 194 -8.13 7.11 43.57
CA ARG B 194 -8.37 8.56 43.48
C ARG B 194 -9.64 8.87 42.65
N PHE B 195 -9.50 9.09 41.33
CA PHE B 195 -10.64 9.35 40.42
C PHE B 195 -11.79 8.34 40.56
N PHE B 196 -11.46 7.05 40.67
CA PHE B 196 -12.48 5.97 40.66
C PHE B 196 -13.07 5.58 42.02
N SER B 197 -12.62 6.27 43.08
CA SER B 197 -13.15 6.07 44.43
C SER B 197 -14.56 6.65 44.51
N GLY B 198 -15.52 5.83 44.93
CA GLY B 198 -16.94 6.20 44.96
C GLY B 198 -17.73 5.85 43.72
N VAL B 199 -17.03 5.64 42.60
CA VAL B 199 -17.65 5.26 41.32
C VAL B 199 -18.31 3.88 41.42
N ASP B 200 -19.61 3.83 41.12
CA ASP B 200 -20.37 2.58 41.24
C ASP B 200 -19.91 1.58 40.20
N TYR B 201 -20.11 1.93 38.92
CA TYR B 201 -19.57 1.14 37.81
C TYR B 201 -19.29 2.01 36.57
N ILE B 202 -18.63 1.41 35.58
CA ILE B 202 -18.27 2.09 34.33
C ILE B 202 -19.21 1.65 33.21
N VAL B 203 -19.64 2.60 32.39
CA VAL B 203 -20.44 2.34 31.19
C VAL B 203 -19.68 2.65 29.89
N ILE B 204 -19.74 1.72 28.94
CA ILE B 204 -19.05 1.82 27.67
C ILE B 204 -20.07 1.58 26.57
N SER B 205 -20.02 2.39 25.52
CA SER B 205 -20.91 2.24 24.38
C SER B 205 -20.06 2.31 23.12
N ASP B 206 -19.57 1.14 22.69
CA ASP B 206 -18.61 1.05 21.59
C ASP B 206 -18.69 -0.33 20.95
N ASN B 207 -19.92 -0.73 20.61
CA ASN B 207 -20.16 -1.95 19.87
C ASN B 207 -21.57 -1.99 19.27
N LEU B 208 -21.83 -3.02 18.48
CA LEU B 208 -23.04 -3.07 17.69
C LEU B 208 -23.93 -4.17 18.21
N TRP B 209 -25.24 -3.98 17.98
CA TRP B 209 -26.22 -5.05 18.08
C TRP B 209 -25.92 -6.08 17.00
N ILE B 210 -26.46 -7.28 17.17
CA ILE B 210 -26.36 -8.32 16.14
C ILE B 210 -27.65 -8.48 15.30
N SER B 211 -28.81 -8.19 15.90
CA SER B 211 -30.11 -8.24 15.18
C SER B 211 -30.61 -6.86 14.75
N LYS B 214 -33.05 -6.26 17.54
CA LYS B 214 -32.91 -6.53 18.97
C LYS B 214 -31.69 -5.80 19.56
N PRO B 215 -31.92 -4.92 20.55
CA PRO B 215 -30.86 -4.27 21.34
C PRO B 215 -30.13 -5.31 22.22
N ALA B 216 -29.08 -4.89 22.92
CA ALA B 216 -28.29 -5.84 23.70
C ALA B 216 -27.51 -5.23 24.86
N ILE B 217 -27.09 -6.07 25.79
CA ILE B 217 -26.04 -5.73 26.74
C ILE B 217 -24.92 -6.73 26.51
N THR B 218 -23.67 -6.26 26.55
CA THR B 218 -22.49 -7.07 26.15
C THR B 218 -21.64 -7.50 27.36
N TYR B 219 -21.47 -8.81 27.55
CA TYR B 219 -20.82 -9.35 28.75
C TYR B 219 -19.44 -9.98 28.48
N GLY B 220 -19.00 -9.89 27.23
CA GLY B 220 -17.70 -10.42 26.86
C GLY B 220 -17.18 -9.82 25.58
N THR B 221 -15.89 -9.52 25.55
CA THR B 221 -15.19 -9.04 24.35
C THR B 221 -13.90 -9.82 24.21
N ARG B 222 -13.40 -9.97 22.99
CA ARG B 222 -12.19 -10.71 22.75
C ARG B 222 -10.96 -9.82 22.99
N GLY B 223 -9.81 -10.45 23.16
CA GLY B 223 -8.54 -9.76 23.19
C GLY B 223 -8.01 -9.68 21.79
N ASN B 224 -6.81 -9.15 21.66
CA ASN B 224 -6.16 -9.05 20.34
C ASN B 224 -4.64 -9.07 20.44
N SER B 225 -4.02 -9.74 19.50
CA SER B 225 -2.57 -9.78 19.36
C SER B 225 -2.29 -9.33 17.95
N TYR B 226 -1.67 -8.17 17.83
CA TYR B 226 -1.38 -7.60 16.54
C TYR B 226 0.10 -7.77 16.23
N PHE B 227 0.36 -8.35 15.07
CA PHE B 227 1.73 -8.64 14.64
C PHE B 227 2.17 -7.86 13.42
N MET B 228 3.43 -7.43 13.47
CA MET B 228 4.09 -6.89 12.27
C MET B 228 5.20 -7.87 11.89
N VAL B 229 5.27 -8.25 10.61
CA VAL B 229 6.28 -9.20 10.17
C VAL B 229 7.08 -8.49 9.08
N GLU B 230 8.27 -8.03 9.45
CA GLU B 230 9.13 -7.33 8.54
C GLU B 230 10.10 -8.29 7.87
N VAL B 231 10.21 -8.17 6.55
CA VAL B 231 11.21 -8.91 5.78
C VAL B 231 11.98 -7.89 4.97
N LYS B 232 13.30 -7.85 5.17
CA LYS B 232 14.17 -6.81 4.62
C LYS B 232 15.45 -7.39 3.95
N CYS B 233 15.71 -6.93 2.73
CA CYS B 233 16.98 -7.15 2.05
C CYS B 233 17.80 -5.85 2.17
N ARG B 234 17.28 -4.78 1.58
CA ARG B 234 17.88 -3.46 1.65
C ARG B 234 16.69 -2.54 1.58
N ASP B 235 16.91 -1.24 1.78
CA ASP B 235 15.80 -0.29 1.72
C ASP B 235 15.38 0.08 0.31
N GLN B 236 16.34 0.22 -0.61
CA GLN B 236 16.01 0.60 -1.97
C GLN B 236 15.29 -0.57 -2.70
N ASP B 237 14.19 -0.26 -3.39
CA ASP B 237 13.51 -1.25 -4.23
C ASP B 237 14.38 -1.58 -5.43
N PHE B 238 14.13 -2.77 -5.98
CA PHE B 238 14.78 -3.23 -7.21
C PHE B 238 13.78 -3.24 -8.36
N HIS B 239 14.31 -3.12 -9.57
CA HIS B 239 13.54 -3.30 -10.79
C HIS B 239 13.35 -4.80 -11.03
N SER B 240 12.11 -5.21 -11.27
CA SER B 240 11.83 -6.64 -11.34
C SER B 240 12.34 -7.31 -12.63
N GLY B 241 12.76 -6.52 -13.61
CA GLY B 241 13.36 -7.04 -14.84
C GLY B 241 14.87 -7.20 -14.71
N THR B 242 15.54 -6.11 -14.36
CA THR B 242 16.98 -6.12 -14.22
C THR B 242 17.50 -6.97 -13.06
N PHE B 243 16.68 -7.15 -12.02
CA PHE B 243 17.01 -8.03 -10.89
C PHE B 243 16.11 -9.26 -10.76
N GLY B 244 15.28 -9.54 -11.78
CA GLY B 244 14.38 -10.69 -11.72
C GLY B 244 15.06 -12.01 -11.96
N GLY B 245 14.93 -12.91 -10.98
CA GLY B 245 15.40 -14.28 -11.08
C GLY B 245 16.57 -14.64 -10.19
N ILE B 246 17.14 -13.64 -9.50
CA ILE B 246 18.38 -13.84 -8.74
C ILE B 246 18.31 -13.47 -7.25
N LEU B 247 17.17 -12.93 -6.81
CA LEU B 247 17.02 -12.50 -5.42
C LEU B 247 16.13 -13.43 -4.63
N HIS B 248 16.42 -13.58 -3.35
CA HIS B 248 15.45 -14.00 -2.36
C HIS B 248 14.61 -12.75 -2.14
N GLU B 249 13.46 -12.70 -2.82
CA GLU B 249 12.60 -11.50 -2.79
C GLU B 249 11.86 -11.38 -1.47
N PRO B 250 11.97 -10.20 -0.79
CA PRO B 250 11.19 -10.07 0.44
C PRO B 250 9.68 -10.43 0.30
N MET B 251 9.03 -10.04 -0.79
CA MET B 251 7.61 -10.35 -0.98
C MET B 251 7.28 -11.84 -1.05
N ALA B 252 8.08 -12.61 -1.79
CA ALA B 252 7.92 -14.06 -1.79
C ALA B 252 8.00 -14.65 -0.39
N ASP B 253 9.02 -14.25 0.37
CA ASP B 253 9.19 -14.64 1.79
C ASP B 253 7.99 -14.29 2.69
N LEU B 254 7.54 -13.02 2.62
CA LEU B 254 6.44 -12.52 3.43
C LEU B 254 5.14 -13.25 3.08
N VAL B 255 4.88 -13.43 1.79
CA VAL B 255 3.73 -14.19 1.33
C VAL B 255 3.73 -15.66 1.85
N ALA B 256 4.88 -16.34 1.85
CA ALA B 256 4.99 -17.67 2.45
C ALA B 256 4.71 -17.67 3.97
N LEU B 257 5.27 -16.69 4.70
CA LEU B 257 5.00 -16.49 6.14
C LEU B 257 3.53 -16.21 6.49
N LEU B 258 2.92 -15.26 5.78
CA LEU B 258 1.48 -14.99 5.97
C LEU B 258 0.59 -16.18 5.58
N GLY B 259 1.00 -16.91 4.53
CA GLY B 259 0.30 -18.09 4.06
C GLY B 259 0.42 -19.31 4.93
N SER B 260 1.29 -19.30 5.94
CA SER B 260 1.41 -20.41 6.87
C SER B 260 0.54 -20.28 8.14
N LEU B 261 -0.29 -19.25 8.20
CA LEU B 261 -0.95 -18.87 9.43
C LEU B 261 -2.26 -19.59 9.74
N VAL B 262 -3.03 -19.87 8.69
CA VAL B 262 -4.41 -20.30 8.81
C VAL B 262 -4.79 -21.04 7.54
N ASP B 263 -5.62 -22.06 7.64
CA ASP B 263 -5.95 -22.85 6.45
C ASP B 263 -7.28 -22.39 5.89
N SER B 264 -7.73 -22.99 4.78
CA SER B 264 -8.97 -22.52 4.11
C SER B 264 -10.23 -22.72 4.96
N SER B 265 -10.11 -23.54 6.02
CA SER B 265 -11.25 -23.79 6.91
C SER B 265 -11.36 -22.78 8.07
N GLY B 266 -10.36 -21.90 8.20
CA GLY B 266 -10.29 -20.92 9.29
C GLY B 266 -9.50 -21.44 10.48
N HIS B 267 -8.97 -22.65 10.36
CA HIS B 267 -8.17 -23.26 11.42
C HIS B 267 -6.78 -22.64 11.49
N ILE B 268 -6.44 -22.05 12.64
CA ILE B 268 -5.16 -21.39 12.85
C ILE B 268 -4.04 -22.42 13.00
N LEU B 269 -2.96 -22.23 12.26
CA LEU B 269 -1.94 -23.28 12.11
C LEU B 269 -0.69 -23.10 13.01
N VAL B 270 -0.68 -22.02 13.79
CA VAL B 270 0.35 -21.76 14.84
C VAL B 270 0.18 -22.80 15.94
N PRO B 271 1.22 -23.65 16.16
CA PRO B 271 1.20 -24.66 17.21
C PRO B 271 1.01 -24.10 18.63
N GLY B 272 0.02 -24.63 19.35
CA GLY B 272 -0.29 -24.13 20.68
C GLY B 272 -1.39 -23.08 20.79
N ILE B 273 -1.85 -22.53 19.67
CA ILE B 273 -2.82 -21.44 19.72
C ILE B 273 -4.15 -21.88 20.39
N TYR B 274 -4.49 -23.16 20.27
CA TYR B 274 -5.73 -23.70 20.85
C TYR B 274 -5.61 -24.33 22.22
N ASP B 275 -4.38 -24.43 22.74
CA ASP B 275 -4.12 -25.16 23.98
C ASP B 275 -4.90 -24.63 25.18
N GLU B 276 -5.09 -23.32 25.26
CA GLU B 276 -5.70 -22.71 26.44
C GLU B 276 -7.08 -22.07 26.23
N VAL B 277 -7.71 -22.33 25.08
CA VAL B 277 -9.13 -21.98 24.87
C VAL B 277 -10.00 -22.81 25.86
N VAL B 278 -10.84 -22.15 26.66
CA VAL B 278 -11.84 -22.83 27.50
C VAL B 278 -12.67 -23.82 26.67
N PRO B 279 -12.77 -25.09 27.10
CA PRO B 279 -13.62 -25.99 26.30
C PRO B 279 -15.13 -25.66 26.35
N LEU B 280 -15.82 -25.93 25.26
CA LEU B 280 -17.26 -25.70 25.12
C LEU B 280 -18.04 -26.75 25.93
N THR B 281 -19.09 -26.31 26.61
CA THR B 281 -19.96 -27.19 27.41
C THR B 281 -21.41 -27.02 26.93
N GLU B 282 -22.26 -27.99 27.28
CA GLU B 282 -23.69 -27.93 27.00
C GLU B 282 -24.29 -26.67 27.63
N GLU B 283 -23.99 -26.44 28.90
CA GLU B 283 -24.33 -25.17 29.58
C GLU B 283 -24.06 -23.92 28.74
N GLU B 284 -22.84 -23.81 28.21
CA GLU B 284 -22.47 -22.65 27.41
C GLU B 284 -23.24 -22.57 26.10
N ILE B 285 -23.33 -23.68 25.37
CA ILE B 285 -24.00 -23.64 24.07
C ILE B 285 -25.52 -23.37 24.16
N ASN B 286 -26.16 -23.81 25.25
CA ASN B 286 -27.55 -23.45 25.57
C ASN B 286 -27.81 -21.94 25.57
N THR B 287 -26.80 -21.16 25.99
CA THR B 287 -26.93 -19.70 26.03
C THR B 287 -26.90 -19.03 24.64
N TYR B 288 -26.28 -19.70 23.66
CA TYR B 288 -26.22 -19.18 22.28
C TYR B 288 -27.45 -19.62 21.47
N LYS B 289 -28.06 -20.72 21.88
CA LYS B 289 -29.31 -21.21 21.28
C LYS B 289 -30.52 -20.32 21.61
N ALA B 290 -30.45 -19.61 22.75
CA ALA B 290 -31.55 -18.77 23.23
C ALA B 290 -31.49 -17.38 22.61
N ILE B 291 -30.38 -17.10 21.90
CA ILE B 291 -30.15 -15.80 21.30
C ILE B 291 -30.97 -15.61 20.02
N HIS B 292 -31.62 -14.45 19.91
CA HIS B 292 -32.46 -14.10 18.78
C HIS B 292 -31.60 -13.60 17.61
N LEU B 293 -31.34 -14.49 16.65
CA LEU B 293 -30.63 -14.15 15.43
C LEU B 293 -31.13 -14.99 14.26
N ASP B 294 -31.87 -14.35 13.35
CA ASP B 294 -32.20 -14.98 12.08
C ASP B 294 -30.95 -14.87 11.24
N LEU B 295 -30.47 -16.01 10.75
CA LEU B 295 -29.22 -16.04 10.00
C LEU B 295 -29.37 -15.53 8.56
N GLU B 296 -30.55 -15.67 7.97
CA GLU B 296 -30.80 -15.09 6.65
C GLU B 296 -30.87 -13.57 6.72
N GLU B 297 -31.37 -13.04 7.84
CA GLU B 297 -31.40 -11.60 8.08
C GLU B 297 -29.96 -11.08 8.25
N TYR B 298 -29.17 -11.80 9.03
CA TYR B 298 -27.77 -11.48 9.32
C TYR B 298 -26.88 -11.46 8.07
N ARG B 299 -27.07 -12.43 7.17
CA ARG B 299 -26.26 -12.45 5.96
C ARG B 299 -26.76 -11.49 4.88
N ASN B 300 -28.03 -11.13 4.94
CA ASN B 300 -28.56 -10.04 4.12
C ASN B 300 -28.07 -8.67 4.64
N SER B 301 -27.94 -8.53 5.97
CA SER B 301 -27.34 -7.33 6.58
C SER B 301 -25.88 -7.15 6.14
N SER B 302 -25.13 -8.25 6.06
CA SER B 302 -23.70 -8.24 5.75
C SER B 302 -23.42 -8.34 4.25
N ARG B 303 -24.47 -8.64 3.48
CA ARG B 303 -24.42 -8.80 2.02
C ARG B 303 -23.40 -9.87 1.64
N VAL B 304 -23.33 -10.91 2.45
CA VAL B 304 -22.37 -11.98 2.25
C VAL B 304 -23.13 -13.17 1.70
N GLU B 305 -22.60 -13.78 0.64
CA GLU B 305 -23.22 -14.97 0.04
C GLU B 305 -23.33 -16.15 1.05
N LYS B 306 -22.17 -16.58 1.55
CA LYS B 306 -22.06 -17.68 2.50
C LYS B 306 -20.95 -17.37 3.50
N PHE B 307 -21.20 -17.64 4.79
CA PHE B 307 -20.16 -17.64 5.82
C PHE B 307 -19.47 -19.01 5.90
N LEU B 308 -18.42 -19.12 6.72
CA LEU B 308 -17.78 -20.42 6.97
C LEU B 308 -18.72 -21.41 7.67
N PHE B 309 -19.71 -20.89 8.37
CA PHE B 309 -20.67 -21.74 9.10
C PHE B 309 -22.10 -21.47 8.64
N ASP B 310 -22.97 -22.46 8.82
CA ASP B 310 -24.35 -22.38 8.31
C ASP B 310 -25.42 -22.33 9.43
N THR B 311 -24.95 -22.18 10.67
CA THR B 311 -25.81 -22.20 11.85
C THR B 311 -25.54 -20.97 12.74
N LYS B 312 -26.59 -20.49 13.40
CA LYS B 312 -26.50 -19.33 14.29
C LYS B 312 -25.49 -19.53 15.43
N GLU B 313 -25.46 -20.75 15.97
CA GLU B 313 -24.65 -21.06 17.13
C GLU B 313 -23.18 -21.08 16.81
N GLU B 314 -22.81 -21.67 15.67
CA GLU B 314 -21.42 -21.72 15.21
C GLU B 314 -20.90 -20.35 14.77
N ILE B 315 -21.78 -19.57 14.13
CA ILE B 315 -21.44 -18.22 13.73
C ILE B 315 -21.11 -17.39 14.95
N LEU B 316 -22.03 -17.33 15.90
CA LEU B 316 -21.85 -16.55 17.12
C LEU B 316 -20.66 -17.00 17.99
N MET B 317 -20.49 -18.31 18.12
CA MET B 317 -19.36 -18.89 18.85
C MET B 317 -18.02 -18.54 18.20
N HIS B 318 -17.97 -18.57 16.87
CA HIS B 318 -16.72 -18.28 16.19
C HIS B 318 -16.36 -16.80 16.21
N LEU B 319 -17.35 -15.96 16.44
CA LEU B 319 -17.14 -14.54 16.69
C LEU B 319 -16.76 -14.27 18.15
N TRP B 320 -17.29 -15.05 19.08
CA TRP B 320 -17.22 -14.70 20.50
C TRP B 320 -16.24 -15.48 21.37
N ARG B 321 -16.10 -16.76 21.09
CA ARG B 321 -15.48 -17.65 22.05
C ARG B 321 -14.41 -18.59 21.45
N TYR B 322 -14.16 -18.45 20.15
CA TYR B 322 -13.06 -19.13 19.48
C TYR B 322 -12.15 -18.02 18.95
N PRO B 323 -10.81 -18.27 18.94
CA PRO B 323 -9.88 -17.24 18.46
C PRO B 323 -10.00 -17.17 16.94
N SER B 324 -9.62 -16.03 16.36
CA SER B 324 -9.59 -15.88 14.92
C SER B 324 -8.31 -15.16 14.47
N LEU B 325 -7.93 -15.37 13.22
CA LEU B 325 -6.80 -14.67 12.63
C LEU B 325 -7.24 -13.98 11.33
N SER B 326 -6.90 -12.68 11.22
CA SER B 326 -7.10 -11.94 9.97
C SER B 326 -5.80 -11.28 9.49
N ILE B 327 -5.53 -11.39 8.18
CA ILE B 327 -4.40 -10.68 7.55
C ILE B 327 -4.92 -9.35 7.03
N HIS B 328 -4.26 -8.27 7.45
CA HIS B 328 -4.77 -6.92 7.22
C HIS B 328 -4.21 -6.27 5.98
N GLY B 329 -2.91 -6.51 5.70
CA GLY B 329 -2.24 -5.90 4.56
C GLY B 329 -0.73 -5.98 4.61
N ILE B 330 -0.07 -5.44 3.58
CA ILE B 330 1.39 -5.34 3.52
C ILE B 330 1.79 -3.89 3.32
N GLU B 331 2.74 -3.45 4.11
CA GLU B 331 3.34 -2.13 3.94
C GLU B 331 4.66 -2.21 3.17
N GLY B 332 4.87 -1.32 2.20
CA GLY B 332 6.17 -1.14 1.54
C GLY B 332 6.26 -1.74 0.15
N ALA B 333 5.15 -2.35 -0.28
CA ALA B 333 5.04 -3.03 -1.57
C ALA B 333 4.26 -2.15 -2.55
N PHE B 334 3.91 -2.69 -3.71
CA PHE B 334 3.16 -1.92 -4.68
C PHE B 334 1.67 -2.08 -4.42
N ASP B 335 1.07 -1.00 -3.90
CA ASP B 335 -0.32 -1.04 -3.43
C ASP B 335 -1.22 0.00 -4.10
N GLU B 336 -0.72 0.64 -5.15
CA GLU B 336 -1.51 1.61 -5.87
C GLU B 336 -2.18 0.95 -7.07
N PRO B 337 -3.15 1.65 -7.70
CA PRO B 337 -3.78 1.22 -8.94
C PRO B 337 -2.78 1.00 -10.08
N GLY B 338 -3.07 0.09 -10.97
CA GLY B 338 -2.25 -0.06 -12.15
C GLY B 338 -1.18 -1.14 -12.07
N THR B 339 -0.16 -0.97 -12.91
CA THR B 339 0.93 -1.92 -12.97
C THR B 339 2.25 -1.24 -12.65
N LYS B 340 3.10 -1.96 -11.92
CA LYS B 340 4.45 -1.52 -11.54
C LYS B 340 5.29 -2.78 -11.36
N THR B 341 6.47 -2.80 -12.00
CA THR B 341 7.35 -3.98 -11.98
C THR B 341 8.54 -3.78 -11.03
N VAL B 342 8.20 -3.79 -9.75
CA VAL B 342 9.10 -3.51 -8.65
C VAL B 342 9.25 -4.77 -7.80
N ILE B 343 10.48 -5.02 -7.36
CA ILE B 343 10.75 -5.92 -6.23
C ILE B 343 10.96 -5.02 -4.99
N PRO B 344 9.94 -4.90 -4.11
CA PRO B 344 10.10 -4.15 -2.83
C PRO B 344 11.32 -4.66 -2.03
N GLY B 345 12.15 -3.72 -1.56
CA GLY B 345 13.34 -4.01 -0.77
C GLY B 345 12.98 -4.40 0.65
N ARG B 346 12.02 -3.71 1.24
CA ARG B 346 11.61 -3.97 2.61
C ARG B 346 10.09 -3.99 2.67
N VAL B 347 9.52 -5.08 3.17
CA VAL B 347 8.05 -5.13 3.36
C VAL B 347 7.61 -5.50 4.78
N ILE B 348 6.42 -5.08 5.21
CA ILE B 348 5.90 -5.44 6.52
C ILE B 348 4.45 -5.94 6.42
N GLY B 349 4.23 -7.21 6.78
CA GLY B 349 2.88 -7.81 6.78
C GLY B 349 2.23 -7.57 8.13
N LYS B 350 0.93 -7.37 8.14
CA LYS B 350 0.16 -6.98 9.31
C LYS B 350 -0.92 -8.02 9.46
N PHE B 351 -1.02 -8.63 10.63
CA PHE B 351 -2.11 -9.56 10.92
C PHE B 351 -2.38 -9.55 12.40
N SER B 352 -3.53 -10.07 12.80
CA SER B 352 -3.80 -10.18 14.22
C SER B 352 -4.62 -11.39 14.57
N ILE B 353 -4.46 -11.86 15.81
CA ILE B 353 -5.20 -12.95 16.37
C ILE B 353 -6.08 -12.41 17.53
N ARG B 354 -7.39 -12.52 17.35
CA ARG B 354 -8.35 -12.28 18.41
C ARG B 354 -8.26 -13.40 19.43
N LEU B 355 -8.16 -13.02 20.69
CA LEU B 355 -7.92 -13.92 21.78
C LEU B 355 -9.20 -14.13 22.56
N VAL B 356 -9.34 -15.31 23.15
CA VAL B 356 -10.50 -15.65 23.96
C VAL B 356 -10.04 -16.28 25.30
N PRO B 357 -10.92 -16.32 26.32
CA PRO B 357 -10.60 -17.11 27.53
C PRO B 357 -10.22 -18.57 27.19
N HIS B 358 -9.18 -19.15 27.82
CA HIS B 358 -8.25 -18.47 28.75
C HIS B 358 -6.86 -18.26 28.11
N MET B 359 -6.80 -17.70 26.90
CA MET B 359 -5.53 -17.52 26.18
C MET B 359 -4.60 -16.47 26.83
N ASN B 360 -3.30 -16.74 26.75
CA ASN B 360 -2.25 -15.95 27.39
C ASN B 360 -1.54 -15.11 26.31
N VAL B 361 -1.66 -13.79 26.40
CA VAL B 361 -1.05 -12.87 25.45
C VAL B 361 0.45 -13.19 25.23
N SER B 362 1.18 -13.45 26.30
CA SER B 362 2.61 -13.63 26.16
C SER B 362 2.95 -15.01 25.65
N ALA B 363 2.07 -15.98 25.88
CA ALA B 363 2.23 -17.28 25.28
C ALA B 363 1.97 -17.18 23.78
N VAL B 364 0.95 -16.41 23.39
CA VAL B 364 0.65 -16.16 21.99
C VAL B 364 1.82 -15.48 21.27
N GLU B 365 2.39 -14.43 21.88
CA GLU B 365 3.53 -13.76 21.28
C GLU B 365 4.64 -14.76 20.94
N LYS B 366 5.02 -15.56 21.93
CA LYS B 366 6.07 -16.56 21.79
C LYS B 366 5.75 -17.60 20.72
N GLN B 367 4.55 -18.15 20.75
CA GLN B 367 4.22 -19.24 19.83
C GLN B 367 4.04 -18.78 18.39
N VAL B 368 3.55 -17.56 18.20
CA VAL B 368 3.54 -16.96 16.86
C VAL B 368 4.95 -16.64 16.34
N THR B 369 5.77 -16.02 17.16
CA THR B 369 7.13 -15.68 16.78
C THR B 369 7.94 -16.95 16.41
N ARG B 370 7.84 -17.99 17.24
CA ARG B 370 8.53 -19.26 16.99
C ARG B 370 8.12 -19.94 15.67
N HIS B 371 6.83 -19.91 15.37
CA HIS B 371 6.30 -20.50 14.14
C HIS B 371 6.80 -19.75 12.89
N LEU B 372 6.79 -18.41 12.96
CA LEU B 372 7.25 -17.60 11.84
C LEU B 372 8.77 -17.81 11.67
N GLU B 373 9.49 -18.01 12.78
CA GLU B 373 10.91 -18.28 12.74
C GLU B 373 11.22 -19.65 12.11
N ASP B 374 10.43 -20.67 12.45
CA ASP B 374 10.60 -22.00 11.85
C ASP B 374 10.25 -21.98 10.37
N VAL B 375 9.13 -21.34 10.02
CA VAL B 375 8.76 -21.20 8.60
C VAL B 375 9.87 -20.47 7.82
N PHE B 376 10.33 -19.34 8.35
CA PHE B 376 11.37 -18.56 7.71
C PHE B 376 12.70 -19.29 7.52
N SER B 377 13.17 -20.04 8.51
CA SER B 377 14.49 -20.67 8.39
C SER B 377 14.55 -21.78 7.36
N LYS B 378 13.46 -22.55 7.24
CA LYS B 378 13.33 -23.57 6.19
C LYS B 378 13.50 -23.04 4.75
N ARG B 379 13.36 -21.73 4.58
CA ARG B 379 13.44 -21.11 3.26
C ARG B 379 14.86 -20.79 2.83
N ASN B 380 15.79 -20.76 3.80
CA ASN B 380 17.20 -20.57 3.48
C ASN B 380 17.39 -19.25 2.73
N SER B 381 16.76 -18.20 3.25
CA SER B 381 16.71 -16.86 2.66
C SER B 381 17.83 -15.97 3.22
N SER B 382 18.27 -15.00 2.42
CA SER B 382 19.33 -14.11 2.84
C SER B 382 18.75 -12.90 3.57
N ASN B 383 17.45 -12.69 3.38
CA ASN B 383 16.70 -11.62 4.06
C ASN B 383 16.70 -11.76 5.57
N LYS B 384 16.50 -10.64 6.22
CA LYS B 384 16.29 -10.56 7.66
C LYS B 384 14.77 -10.52 7.94
N MET B 385 14.32 -11.31 8.91
CA MET B 385 12.95 -11.24 9.37
C MET B 385 12.86 -10.69 10.81
N VAL B 386 11.98 -9.69 11.02
CA VAL B 386 11.66 -9.18 12.37
C VAL B 386 10.17 -9.28 12.67
N VAL B 387 9.83 -10.06 13.69
CA VAL B 387 8.45 -10.20 14.15
C VAL B 387 8.25 -9.35 15.39
N SER B 388 7.29 -8.42 15.37
CA SER B 388 6.94 -7.63 16.56
C SER B 388 5.46 -7.74 16.87
N MET B 389 5.11 -8.15 18.08
CA MET B 389 3.73 -8.06 18.49
C MET B 389 3.56 -6.66 19.08
N THR B 390 2.97 -5.76 18.33
CA THR B 390 2.88 -4.37 18.78
C THR B 390 1.76 -4.18 19.82
N LEU B 391 0.66 -4.92 19.66
CA LEU B 391 -0.47 -4.90 20.62
C LEU B 391 -0.70 -6.32 21.13
N GLY B 392 -0.85 -6.42 22.44
CA GLY B 392 -1.32 -7.64 23.05
C GLY B 392 -2.38 -7.26 24.06
N LEU B 393 -3.64 -7.44 23.71
CA LEU B 393 -4.74 -7.09 24.60
C LEU B 393 -5.44 -8.34 25.08
N HIS B 394 -5.79 -8.35 26.35
CA HIS B 394 -6.35 -9.52 26.99
C HIS B 394 -7.85 -9.51 26.73
N PRO B 395 -8.48 -10.70 26.58
CA PRO B 395 -9.96 -10.80 26.54
C PRO B 395 -10.61 -10.32 27.83
N TRP B 396 -11.90 -10.01 27.76
CA TRP B 396 -12.72 -9.66 28.92
C TRP B 396 -13.99 -10.50 28.92
N ILE B 397 -14.24 -11.22 30.00
CA ILE B 397 -15.49 -11.96 30.16
C ILE B 397 -16.07 -11.72 31.54
N ALA B 398 -17.37 -11.43 31.60
CA ALA B 398 -18.06 -11.23 32.88
C ALA B 398 -19.27 -12.17 32.99
N ASN B 399 -19.86 -12.25 34.18
CA ASN B 399 -21.12 -12.97 34.40
C ASN B 399 -22.21 -12.50 33.45
N ILE B 400 -22.87 -13.42 32.75
CA ILE B 400 -24.05 -13.10 31.92
C ILE B 400 -25.18 -12.50 32.76
N ASP B 401 -25.16 -12.80 34.06
CA ASP B 401 -26.12 -12.26 35.02
C ASP B 401 -25.36 -11.47 36.10
N ASP B 402 -25.33 -10.16 35.96
CA ASP B 402 -24.72 -9.30 36.96
C ASP B 402 -25.80 -8.37 37.44
N THR B 403 -25.94 -8.25 38.76
CA THR B 403 -26.89 -7.32 39.35
C THR B 403 -26.69 -5.91 38.78
N GLN B 404 -25.44 -5.57 38.48
CA GLN B 404 -25.08 -4.24 37.95
C GLN B 404 -25.69 -3.92 36.57
N TYR B 405 -26.18 -4.94 35.87
CA TYR B 405 -26.80 -4.73 34.55
C TYR B 405 -28.22 -4.22 34.67
N LEU B 406 -28.83 -4.47 35.83
CA LEU B 406 -30.25 -4.14 36.03
C LEU B 406 -30.63 -2.69 35.62
N ALA B 407 -29.85 -1.70 36.06
CA ALA B 407 -30.21 -0.32 35.71
C ALA B 407 -30.26 -0.14 34.18
N ALA B 408 -29.32 -0.75 33.46
CA ALA B 408 -29.25 -0.73 31.99
C ALA B 408 -30.41 -1.46 31.30
N LYS B 409 -30.70 -2.69 31.75
CA LYS B 409 -31.82 -3.48 31.21
C LYS B 409 -33.19 -2.76 31.33
N ARG B 410 -33.48 -2.18 32.49
CA ARG B 410 -34.69 -1.35 32.67
C ARG B 410 -34.78 -0.18 31.68
N ALA B 411 -33.65 0.51 31.46
CA ALA B 411 -33.59 1.65 30.54
C ALA B 411 -33.72 1.29 29.06
N ILE B 412 -33.11 0.18 28.65
CA ILE B 412 -33.35 -0.37 27.31
C ILE B 412 -34.84 -0.74 27.13
N ARG B 413 -35.44 -1.36 28.15
CA ARG B 413 -36.85 -1.72 28.12
C ARG B 413 -37.77 -0.51 27.88
N THR B 414 -37.52 0.56 28.64
CA THR B 414 -38.29 1.81 28.59
C THR B 414 -38.30 2.46 27.18
N VAL B 415 -37.12 2.57 26.58
CA VAL B 415 -36.89 3.25 25.29
C VAL B 415 -37.10 2.35 24.07
N PHE B 416 -36.83 1.05 24.23
CA PHE B 416 -36.92 0.10 23.11
C PHE B 416 -37.99 -0.99 23.28
N THR B 418 -38.25 -4.08 23.46
CA THR B 418 -38.09 -5.41 24.06
C THR B 418 -36.90 -5.43 25.02
N GLU B 419 -36.82 -6.50 25.82
CA GLU B 419 -35.69 -6.74 26.73
C GLU B 419 -34.40 -6.90 25.91
N PRO B 420 -33.23 -6.57 26.49
CA PRO B 420 -32.04 -6.74 25.67
C PRO B 420 -31.62 -8.22 25.57
N ASP B 421 -30.99 -8.58 24.46
CA ASP B 421 -30.32 -9.86 24.39
C ASP B 421 -28.98 -9.69 25.10
N MET B 422 -28.51 -10.77 25.72
CA MET B 422 -27.21 -10.76 26.38
C MET B 422 -26.20 -11.38 25.42
N ILE B 423 -25.26 -10.56 24.96
CA ILE B 423 -24.36 -10.96 23.88
C ILE B 423 -22.89 -10.76 24.24
N ARG B 424 -22.02 -11.42 23.51
CA ARG B 424 -20.62 -11.09 23.55
C ARG B 424 -20.27 -10.36 22.25
N ASP B 425 -19.00 -10.00 22.12
CA ASP B 425 -18.56 -9.26 20.95
C ASP B 425 -17.24 -9.82 20.50
N GLY B 426 -17.03 -9.86 19.20
CA GLY B 426 -15.78 -10.33 18.68
C GLY B 426 -14.68 -9.30 18.74
N SER B 427 -15.03 -8.04 18.93
CA SER B 427 -14.01 -6.99 18.96
C SER B 427 -13.39 -6.82 20.36
N THR B 428 -12.44 -5.90 20.47
CA THR B 428 -11.65 -5.70 21.67
C THR B 428 -11.85 -4.31 22.24
N ILE B 429 -12.15 -4.25 23.54
CA ILE B 429 -12.24 -2.96 24.25
C ILE B 429 -11.28 -2.97 25.45
N PRO B 430 -10.05 -2.47 25.25
CA PRO B 430 -8.96 -2.63 26.22
C PRO B 430 -9.28 -2.26 27.68
N ILE B 431 -10.14 -1.27 27.92
CA ILE B 431 -10.46 -0.81 29.27
C ILE B 431 -11.38 -1.75 30.08
N ALA B 432 -12.21 -2.54 29.40
CA ALA B 432 -13.04 -3.52 30.09
C ALA B 432 -12.21 -4.40 31.06
N LYS B 433 -11.19 -5.07 30.53
CA LYS B 433 -10.33 -5.97 31.32
C LYS B 433 -9.52 -5.18 32.36
N MET B 434 -8.97 -4.04 31.93
CA MET B 434 -8.27 -3.10 32.81
C MET B 434 -9.05 -2.69 34.05
N PHE B 435 -10.30 -2.29 33.85
CA PHE B 435 -11.18 -1.87 34.93
C PHE B 435 -11.55 -3.02 35.89
N GLN B 436 -11.74 -4.21 35.32
CA GLN B 436 -12.11 -5.42 36.07
C GLN B 436 -10.96 -5.95 36.92
N GLU B 437 -9.77 -6.05 36.32
CA GLU B 437 -8.58 -6.59 36.99
C GLU B 437 -7.97 -5.59 38.00
N ILE B 438 -8.05 -4.28 37.68
CA ILE B 438 -7.45 -3.24 38.52
C ILE B 438 -8.41 -2.69 39.58
N VAL B 439 -9.61 -2.29 39.17
CA VAL B 439 -10.51 -1.55 40.07
C VAL B 439 -11.64 -2.41 40.66
N HIS B 440 -11.72 -3.65 40.21
CA HIS B 440 -12.64 -4.66 40.76
C HIS B 440 -14.12 -4.26 40.72
N LYS B 441 -14.47 -3.30 39.86
CA LYS B 441 -15.86 -2.85 39.75
C LYS B 441 -16.43 -3.35 38.42
N SER B 442 -17.75 -3.29 38.26
CA SER B 442 -18.41 -3.88 37.10
C SER B 442 -18.34 -3.04 35.82
N VAL B 443 -18.36 -3.72 34.67
CA VAL B 443 -18.37 -3.08 33.35
C VAL B 443 -19.68 -3.36 32.59
N VAL B 444 -20.40 -2.28 32.28
CA VAL B 444 -21.68 -2.36 31.58
C VAL B 444 -21.49 -1.81 30.17
N LEU B 445 -21.62 -2.69 29.18
CA LEU B 445 -21.53 -2.30 27.78
C LEU B 445 -22.93 -2.20 27.17
N ILE B 446 -23.29 -1.00 26.72
CA ILE B 446 -24.60 -0.77 26.08
C ILE B 446 -24.35 -0.35 24.65
N PRO B 447 -24.37 -1.33 23.71
CA PRO B 447 -24.14 -0.98 22.30
C PRO B 447 -25.25 -0.08 21.74
N LEU B 448 -24.84 1.00 21.07
CA LEU B 448 -25.77 1.83 20.31
C LEU B 448 -25.79 1.57 18.80
N GLY B 449 -24.71 1.01 18.26
CA GLY B 449 -24.60 0.81 16.81
C GLY B 449 -25.39 -0.34 16.21
N ALA B 450 -25.86 -0.15 14.99
CA ALA B 450 -26.60 -1.18 14.28
C ALA B 450 -25.64 -2.16 13.61
N VAL B 451 -26.11 -3.37 13.36
CA VAL B 451 -25.26 -4.45 12.87
C VAL B 451 -24.47 -4.14 11.59
N ASP B 452 -25.01 -3.26 10.74
CA ASP B 452 -24.38 -2.98 9.46
C ASP B 452 -23.68 -1.62 9.42
N ASP B 453 -23.36 -1.09 10.59
CA ASP B 453 -22.80 0.24 10.72
C ASP B 453 -21.46 0.40 10.01
N GLY B 454 -20.72 -0.70 9.87
CA GLY B 454 -19.40 -0.65 9.20
C GLY B 454 -18.24 0.02 9.93
N GLU B 455 -18.02 -0.32 11.21
CA GLU B 455 -16.83 0.10 11.94
C GLU B 455 -15.57 -0.29 11.18
N HIS B 456 -14.61 0.63 11.10
CA HIS B 456 -13.32 0.37 10.45
C HIS B 456 -13.42 0.15 8.94
N SER B 457 -14.61 0.37 8.36
CA SER B 457 -14.88 0.15 6.95
C SER B 457 -14.98 1.46 6.18
N GLN B 458 -14.94 1.37 4.85
CA GLN B 458 -15.39 2.47 3.96
C GLN B 458 -16.88 2.63 4.13
N ASN B 459 -17.36 3.87 4.11
CA ASN B 459 -18.78 4.14 4.22
C ASN B 459 -19.39 3.66 5.55
N GLU B 460 -18.65 3.92 6.62
CA GLU B 460 -19.16 3.80 7.99
C GLU B 460 -20.31 4.78 8.20
N LYS B 461 -21.35 4.31 8.91
CA LYS B 461 -22.49 5.13 9.29
C LYS B 461 -22.88 4.85 10.75
N ILE B 462 -23.59 5.80 11.36
CA ILE B 462 -24.55 5.51 12.42
C ILE B 462 -25.96 5.91 11.86
N ASN B 463 -27.00 5.11 12.14
CA ASN B 463 -28.36 5.54 11.76
C ASN B 463 -28.74 6.72 12.65
N ARG B 464 -29.41 7.71 12.07
CA ARG B 464 -29.94 8.81 12.85
C ARG B 464 -30.79 8.29 14.00
N TRP B 465 -31.60 7.25 13.71
CA TRP B 465 -32.45 6.60 14.69
C TRP B 465 -31.65 6.13 15.90
N ASN B 466 -30.55 5.42 15.66
CA ASN B 466 -29.71 4.89 16.73
C ASN B 466 -29.07 5.99 17.55
N TYR B 467 -28.58 7.02 16.85
CA TYR B 467 -27.98 8.21 17.47
C TYR B 467 -28.95 8.97 18.37
N ILE B 468 -30.14 9.24 17.84
CA ILE B 468 -31.15 10.00 18.57
C ILE B 468 -31.85 9.18 19.67
N GLU B 469 -32.28 7.97 19.34
CA GLU B 469 -32.92 7.10 20.33
C GLU B 469 -31.92 6.59 21.38
N GLY B 470 -30.65 6.52 21.02
CA GLY B 470 -29.57 6.23 21.96
C GLY B 470 -29.30 7.33 22.99
N THR B 471 -29.52 8.57 22.61
CA THR B 471 -29.52 9.71 23.53
C THR B 471 -30.62 9.55 24.60
N LYS B 472 -31.85 9.26 24.16
CA LYS B 472 -32.98 8.97 25.06
C LYS B 472 -32.69 7.82 26.03
N LEU B 473 -32.09 6.76 25.51
CA LEU B 473 -31.60 5.65 26.31
C LEU B 473 -30.67 6.07 27.46
N PHE B 474 -29.63 6.84 27.17
CA PHE B 474 -28.71 7.26 28.22
C PHE B 474 -29.40 8.13 29.28
N ALA B 475 -30.35 8.96 28.83
CA ALA B 475 -31.16 9.77 29.74
C ALA B 475 -32.02 8.91 30.70
N ALA B 476 -32.73 7.90 30.16
CA ALA B 476 -33.45 6.91 30.98
C ALA B 476 -32.54 6.15 31.94
N PHE B 477 -31.36 5.75 31.47
CA PHE B 477 -30.37 5.08 32.31
C PHE B 477 -29.98 5.89 33.56
N PHE B 478 -29.72 7.19 33.39
CA PHE B 478 -29.38 8.08 34.50
C PHE B 478 -30.37 7.92 35.62
N LEU B 479 -31.64 7.82 35.25
CA LEU B 479 -32.75 7.77 36.18
C LEU B 479 -32.89 6.39 36.81
N GLU B 480 -32.61 5.36 36.03
CA GLU B 480 -32.76 3.98 36.49
C GLU B 480 -31.68 3.61 37.50
N MET B 481 -30.49 4.13 37.27
CA MET B 481 -29.36 3.93 38.17
C MET B 481 -29.54 4.63 39.52
N ALA B 482 -30.08 5.85 39.51
CA ALA B 482 -30.41 6.55 40.76
C ALA B 482 -31.52 5.79 41.54
N GLN B 483 -32.50 5.27 40.82
CA GLN B 483 -33.59 4.48 41.40
C GLN B 483 -33.15 3.11 42.01
N LEU B 484 -32.29 2.37 41.29
CA LEU B 484 -31.86 1.04 41.77
C LEU B 484 -30.81 1.14 42.91
ZN ZN C . 11.20 3.57 -16.76
ZN ZN D . 12.86 4.69 -19.59
UNK UNX E . 11.95 2.09 -19.01
UNK UNX F . 9.59 -2.88 -17.59
UNK UNX G . -10.73 -3.40 17.23
UNK UNX H . -4.50 2.30 0.53
UNK UNX I . -4.39 17.57 -7.24
UNK UNX J . 2.42 19.40 -8.43
UNK UNX K . -21.25 -3.81 -1.72
UNK UNX L . -3.88 -18.23 3.09
UNK UNX M . -10.68 -17.06 5.25
S SO4 N . 20.07 0.39 1.28
O1 SO4 N . 19.52 -0.25 2.48
O2 SO4 N . 21.35 -0.29 1.07
O3 SO4 N . 19.25 0.29 0.06
O4 SO4 N . 20.18 1.80 1.53
ZN ZN O . -12.73 0.89 16.45
ZN ZN P . -14.31 2.01 19.22
UNK UNX Q . -13.55 -1.14 18.49
UNK UNX R . 2.26 3.07 -1.95
UNK UNX S . -9.36 -14.82 29.63
UNK UNX T . 8.58 -6.35 12.99
UNK UNX U . -24.91 18.66 20.39
UNK UNX V . 20.21 -8.23 2.51
#